data_6WW1
#
_entry.id   6WW1
#
_cell.length_a   80.699
_cell.length_b   86.078
_cell.length_c   107.425
_cell.angle_alpha   90.000
_cell.angle_beta   90.000
_cell.angle_gamma   90.000
#
_symmetry.space_group_name_H-M   'P 21 21 21'
#
loop_
_entity.id
_entity.type
_entity.pdbx_description
1 polymer 'Farnesyl pyrophosphate synthase'
2 non-polymer 'CALCIUM ION'
3 non-polymer 'ISOPENTYL PYROPHOSPHATE'
4 non-polymer 3-butyl-1-(2,2-diphosphonoethyl)pyridinium
5 non-polymer 'ACETATE ION'
6 water water
#
_entity_poly.entity_id   1
_entity_poly.type   'polypeptide(L)'
_entity_poly.pdbx_seq_one_letter_code
;MAHMERFQKVYEEVQEFLLGDAEKRFEMDVHRKGYLKSMMDTTCLGGKYNRGLCVVDVAEAMAKDTQMDAAAMERVLHDA
CVCGWMIEMLQAHFLVYDDIMDHSKTRRGKPCWYLHPGVTAQVAINDGLILLAWATQMALHYFADRPFLAEVLRVFHDVD
LTTTIGQLYDVTSMVDSAKLDAKVAHANTTDYVEYTPFNHRRIVVYKTAYYTYWLPLVMGLLVSGTLEKVDKKATHKVAM
VMGEYFQVQDDVMDCFTPPEKLGKIGTDIEDAKCSWLAVTFLTTAPAEKVAEFKANYGSTDPAAVAVIKQLYTEQNLLAR
FEEYEKAVVAEVEQLIAALEAQNAAFAASVKVLWSKTYKRQK
;
_entity_poly.pdbx_strand_id   A,B
#
loop_
_chem_comp.id
_chem_comp.type
_chem_comp.name
_chem_comp.formula
476 non-polymer 3-butyl-1-(2,2-diphosphonoethyl)pyridinium 'C11 H20 N O6 P2 1'
ACT non-polymer 'ACETATE ION' 'C2 H3 O2 -1'
CA non-polymer 'CALCIUM ION' 'Ca 2'
IPR non-polymer 'ISOPENTYL PYROPHOSPHATE' 'C5 H14 O7 P2'
#
# COMPACT_ATOMS: atom_id res chain seq x y z
N MET A 1 -9.93 -9.76 28.16
CA MET A 1 -10.57 -10.43 26.96
C MET A 1 -12.14 -10.41 26.98
N ALA A 2 -12.72 -9.42 27.66
CA ALA A 2 -14.17 -9.28 27.70
C ALA A 2 -14.81 -9.23 26.31
N HIS A 3 -14.05 -8.79 25.30
CA HIS A 3 -14.66 -8.53 23.97
C HIS A 3 -14.26 -9.45 22.84
N MET A 4 -13.57 -10.51 23.18
CA MET A 4 -13.04 -11.42 22.18
C MET A 4 -14.12 -12.11 21.33
N GLU A 5 -15.14 -12.67 21.98
CA GLU A 5 -16.26 -13.30 21.29
C GLU A 5 -16.89 -12.33 20.30
N ARG A 6 -17.27 -11.15 20.77
CA ARG A 6 -17.80 -10.15 19.85
C ARG A 6 -16.80 -9.77 18.74
N PHE A 7 -15.53 -9.58 19.09
CA PHE A 7 -14.50 -9.19 18.10
C PHE A 7 -14.44 -10.23 16.97
N GLN A 8 -14.41 -11.50 17.34
CA GLN A 8 -14.31 -12.59 16.37
C GLN A 8 -15.54 -12.68 15.47
N LYS A 9 -16.72 -12.44 16.02
CA LYS A 9 -17.95 -12.50 15.26
C LYS A 9 -17.94 -11.37 14.23
N VAL A 10 -17.45 -10.22 14.65
CA VAL A 10 -17.33 -9.09 13.69
C VAL A 10 -16.37 -9.48 12.54
N TYR A 11 -15.29 -10.19 12.84
CA TYR A 11 -14.38 -10.62 11.75
C TYR A 11 -15.14 -11.42 10.69
N GLU A 12 -15.99 -12.36 11.09
CA GLU A 12 -16.80 -13.16 10.13
C GLU A 12 -17.69 -12.20 9.37
N GLU A 13 -18.31 -11.29 10.10
CA GLU A 13 -19.16 -10.31 9.44
C GLU A 13 -18.43 -9.52 8.33
N VAL A 14 -17.28 -8.96 8.72
CA VAL A 14 -16.51 -8.08 7.84
C VAL A 14 -15.94 -8.86 6.66
N GLN A 15 -15.50 -10.09 6.92
CA GLN A 15 -14.99 -10.88 5.84
C GLN A 15 -16.08 -11.16 4.77
N GLU A 16 -17.28 -11.46 5.23
CA GLU A 16 -18.35 -11.83 4.32
C GLU A 16 -18.77 -10.61 3.53
N PHE A 17 -18.82 -9.45 4.19
CA PHE A 17 -19.02 -8.23 3.49
C PHE A 17 -17.99 -8.00 2.34
N LEU A 18 -16.70 -8.06 2.71
CA LEU A 18 -15.56 -7.77 1.79
C LEU A 18 -15.54 -8.72 0.61
N LEU A 19 -15.70 -9.99 0.87
CA LEU A 19 -15.68 -10.96 -0.24
C LEU A 19 -16.90 -10.75 -1.12
N GLY A 20 -18.06 -10.47 -0.49
CA GLY A 20 -19.30 -10.32 -1.24
C GLY A 20 -19.25 -9.05 -2.12
N ASP A 21 -18.70 -7.97 -1.56
CA ASP A 21 -18.53 -6.69 -2.28
C ASP A 21 -17.59 -6.84 -3.50
N ALA A 22 -16.60 -7.69 -3.39
CA ALA A 22 -15.77 -7.92 -4.57
C ALA A 22 -16.55 -8.70 -5.61
N GLU A 23 -17.44 -9.59 -5.16
CA GLU A 23 -18.34 -10.33 -6.09
C GLU A 23 -19.23 -9.38 -6.85
N LYS A 24 -19.74 -8.40 -6.15
CA LYS A 24 -20.75 -7.54 -6.68
C LYS A 24 -20.14 -6.48 -7.62
N ARG A 25 -18.89 -6.10 -7.38
CA ARG A 25 -18.33 -4.92 -8.02
C ARG A 25 -17.26 -5.33 -9.01
N PHE A 26 -16.52 -6.43 -8.72
CA PHE A 26 -15.40 -6.87 -9.58
C PHE A 26 -15.57 -8.20 -10.32
N GLU A 27 -16.81 -8.74 -10.34
CA GLU A 27 -17.08 -10.02 -11.04
C GLU A 27 -16.11 -11.12 -10.54
N MET A 28 -15.82 -11.03 -9.25
CA MET A 28 -14.94 -11.95 -8.54
C MET A 28 -15.52 -13.36 -8.73
N ASP A 29 -14.66 -14.27 -9.19
CA ASP A 29 -15.00 -15.66 -9.32
C ASP A 29 -14.74 -16.47 -8.00
N VAL A 30 -15.39 -17.63 -7.93
CA VAL A 30 -15.43 -18.49 -6.77
C VAL A 30 -14.02 -18.95 -6.35
N HIS A 31 -13.11 -19.12 -7.30
CA HIS A 31 -11.77 -19.63 -6.96
C HIS A 31 -10.96 -18.52 -6.30
N ARG A 32 -10.94 -17.34 -6.90
CA ARG A 32 -10.17 -16.25 -6.32
C ARG A 32 -10.81 -15.74 -5.03
N LYS A 33 -12.14 -15.81 -4.91
CA LYS A 33 -12.84 -15.58 -3.62
C LYS A 33 -12.29 -16.49 -2.54
N GLY A 34 -12.15 -17.79 -2.86
CA GLY A 34 -11.53 -18.79 -1.96
C GLY A 34 -10.07 -18.47 -1.62
N TYR A 35 -9.30 -18.10 -2.66
CA TYR A 35 -7.95 -17.69 -2.47
C TYR A 35 -7.94 -16.47 -1.46
N LEU A 36 -8.74 -15.45 -1.78
CA LEU A 36 -8.88 -14.28 -0.95
C LEU A 36 -9.31 -14.55 0.50
N LYS A 37 -10.31 -15.40 0.69
CA LYS A 37 -10.63 -15.90 2.01
C LYS A 37 -9.42 -16.48 2.76
N SER A 38 -8.62 -17.34 2.14
CA SER A 38 -7.58 -18.02 2.88
C SER A 38 -6.48 -17.00 3.17
N MET A 39 -6.26 -16.07 2.25
CA MET A 39 -5.27 -15.03 2.41
C MET A 39 -5.61 -14.20 3.63
N MET A 40 -6.87 -13.72 3.65
CA MET A 40 -7.35 -12.95 4.79
C MET A 40 -7.14 -13.67 6.11
N ASP A 41 -7.59 -14.93 6.19
CA ASP A 41 -7.50 -15.71 7.40
C ASP A 41 -6.07 -15.94 7.82
N THR A 42 -5.21 -16.22 6.85
CA THR A 42 -3.83 -16.48 7.14
C THR A 42 -3.06 -15.22 7.62
N THR A 43 -3.33 -14.08 7.03
CA THR A 43 -2.56 -12.85 7.35
C THR A 43 -3.14 -12.05 8.51
N CYS A 44 -4.45 -12.15 8.72
CA CYS A 44 -5.13 -11.32 9.74
C CYS A 44 -5.36 -12.05 11.08
N LEU A 45 -5.35 -13.39 11.11
CA LEU A 45 -5.67 -14.09 12.36
C LEU A 45 -4.40 -14.66 13.00
N GLY A 46 -4.52 -15.05 14.25
CA GLY A 46 -3.47 -15.81 14.92
C GLY A 46 -2.56 -14.92 15.73
N GLY A 47 -2.81 -13.62 15.72
CA GLY A 47 -2.01 -12.70 16.55
C GLY A 47 -2.65 -12.55 17.92
N LYS A 48 -2.13 -11.65 18.73
CA LYS A 48 -2.70 -11.54 20.10
C LYS A 48 -3.94 -10.63 20.06
N TYR A 49 -4.11 -9.90 18.98
CA TYR A 49 -5.17 -8.87 18.80
C TYR A 49 -5.07 -7.73 19.84
N ASN A 50 -3.88 -7.42 20.35
CA ASN A 50 -3.83 -6.26 21.29
C ASN A 50 -4.39 -4.95 20.72
N ARG A 51 -4.02 -4.59 19.50
CA ARG A 51 -4.44 -3.34 18.83
C ARG A 51 -5.98 -3.31 18.68
N GLY A 52 -6.53 -4.31 18.01
CA GLY A 52 -7.97 -4.41 17.75
C GLY A 52 -8.79 -4.39 19.03
N LEU A 53 -8.39 -5.17 20.03
CA LEU A 53 -9.15 -5.32 21.24
C LEU A 53 -9.09 -4.03 22.04
N CYS A 54 -7.96 -3.34 22.01
CA CYS A 54 -7.82 -2.04 22.70
C CYS A 54 -8.84 -1.01 22.25
N VAL A 55 -9.15 -0.98 20.92
CA VAL A 55 -10.13 -0.01 20.39
C VAL A 55 -11.47 -0.23 21.11
N VAL A 56 -11.93 -1.49 21.16
CA VAL A 56 -13.15 -1.87 21.84
C VAL A 56 -13.04 -1.57 23.35
N ASP A 57 -11.89 -1.83 23.99
CA ASP A 57 -11.83 -1.60 25.45
C ASP A 57 -11.94 -0.11 25.75
N VAL A 58 -11.24 0.71 24.94
CA VAL A 58 -11.32 2.15 25.05
C VAL A 58 -12.75 2.62 24.76
N ALA A 59 -13.32 2.16 23.64
CA ALA A 59 -14.65 2.63 23.27
C ALA A 59 -15.69 2.33 24.36
N GLU A 60 -15.62 1.14 24.95
CA GLU A 60 -16.56 0.76 25.99
C GLU A 60 -16.34 1.55 27.29
N ALA A 61 -15.10 1.68 27.74
CA ALA A 61 -14.83 2.54 28.89
C ALA A 61 -15.55 3.89 28.77
N MET A 62 -15.41 4.54 27.61
CA MET A 62 -15.93 5.92 27.35
C MET A 62 -17.44 6.00 27.14
N ALA A 63 -18.01 4.95 26.54
CA ALA A 63 -19.45 4.86 26.40
C ALA A 63 -20.10 4.67 27.76
N LYS A 64 -19.48 3.86 28.63
CA LYS A 64 -19.99 3.72 30.02
C LYS A 64 -19.91 5.06 30.74
N ASP A 65 -18.76 5.70 30.62
CA ASP A 65 -18.54 7.00 31.21
C ASP A 65 -19.56 8.02 30.73
N THR A 66 -19.98 7.96 29.46
CA THR A 66 -20.94 8.98 28.98
C THR A 66 -22.37 8.51 29.14
N GLN A 67 -22.57 7.39 29.86
CA GLN A 67 -23.92 6.84 30.16
C GLN A 67 -24.78 6.57 28.91
N MET A 68 -24.18 5.96 27.88
CA MET A 68 -24.96 5.60 26.67
C MET A 68 -26.01 4.55 26.99
N ASP A 69 -27.21 4.69 26.44
CA ASP A 69 -28.23 3.64 26.61
C ASP A 69 -27.88 2.40 25.77
N ALA A 70 -28.70 1.36 25.88
CA ALA A 70 -28.36 0.06 25.36
C ALA A 70 -28.17 0.07 23.85
N ALA A 71 -29.01 0.85 23.15
CA ALA A 71 -28.95 0.94 21.70
C ALA A 71 -27.64 1.58 21.28
N ALA A 72 -27.29 2.65 21.96
CA ALA A 72 -26.12 3.45 21.60
C ALA A 72 -24.83 2.67 21.89
N MET A 73 -24.84 1.93 23.00
CA MET A 73 -23.71 1.18 23.46
C MET A 73 -23.45 0.04 22.48
N GLU A 74 -24.51 -0.63 22.03
CA GLU A 74 -24.36 -1.68 21.02
C GLU A 74 -23.75 -1.17 19.70
N ARG A 75 -24.16 0.00 19.25
CA ARG A 75 -23.59 0.60 18.05
C ARG A 75 -22.12 0.89 18.30
N VAL A 76 -21.83 1.58 19.38
CA VAL A 76 -20.44 1.96 19.68
C VAL A 76 -19.52 0.71 19.72
N LEU A 77 -19.98 -0.38 20.33
CA LEU A 77 -19.16 -1.56 20.44
C LEU A 77 -18.96 -2.12 19.03
N HIS A 78 -20.01 -2.19 18.25
CA HIS A 78 -19.87 -2.76 16.91
C HIS A 78 -18.94 -1.91 16.06
N ASP A 79 -19.10 -0.59 16.08
CA ASP A 79 -18.16 0.32 15.39
C ASP A 79 -16.73 0.12 15.86
N ALA A 80 -16.55 0.04 17.19
CA ALA A 80 -15.24 -0.24 17.71
C ALA A 80 -14.61 -1.55 17.21
N CYS A 81 -15.40 -2.61 17.08
CA CYS A 81 -14.89 -3.85 16.47
C CYS A 81 -14.40 -3.64 15.01
N VAL A 82 -15.10 -2.82 14.24
CA VAL A 82 -14.71 -2.56 12.85
C VAL A 82 -13.39 -1.77 12.76
N CYS A 83 -13.34 -0.66 13.53
CA CYS A 83 -12.04 0.02 13.72
C CYS A 83 -10.93 -0.89 14.15
N GLY A 84 -11.19 -1.77 15.11
CA GLY A 84 -10.20 -2.77 15.55
C GLY A 84 -9.69 -3.61 14.40
N TRP A 85 -10.59 -4.01 13.49
CA TRP A 85 -10.24 -4.88 12.34
C TRP A 85 -9.49 -4.10 11.26
N MET A 86 -9.77 -2.82 11.14
CA MET A 86 -9.02 -1.89 10.27
C MET A 86 -7.56 -1.93 10.75
N ILE A 87 -7.32 -1.87 12.07
CA ILE A 87 -5.94 -1.90 12.63
C ILE A 87 -5.28 -3.31 12.47
N GLU A 88 -5.88 -4.34 12.83
CA GLU A 88 -5.45 -5.74 12.60
C GLU A 88 -5.20 -5.94 11.11
N MET A 89 -5.95 -5.48 10.19
CA MET A 89 -5.64 -5.59 8.75
C MET A 89 -4.44 -4.71 8.37
N LEU A 90 -4.32 -3.52 8.97
CA LEU A 90 -3.14 -2.67 8.75
C LEU A 90 -1.89 -3.47 9.14
N GLN A 91 -1.93 -4.07 10.33
CA GLN A 91 -0.88 -4.96 10.89
C GLN A 91 -0.65 -6.10 9.89
N ALA A 92 -1.73 -6.73 9.45
CA ALA A 92 -1.68 -7.85 8.48
C ALA A 92 -0.84 -7.42 7.25
N HIS A 93 -1.17 -6.27 6.71
CA HIS A 93 -0.51 -5.63 5.56
C HIS A 93 0.98 -5.39 5.91
N PHE A 94 1.24 -4.77 7.07
CA PHE A 94 2.60 -4.47 7.47
C PHE A 94 3.46 -5.74 7.58
N LEU A 95 2.92 -6.80 8.16
CA LEU A 95 3.70 -8.02 8.36
C LEU A 95 3.89 -8.82 7.08
N VAL A 96 2.91 -8.82 6.17
CA VAL A 96 3.09 -9.47 4.85
C VAL A 96 4.32 -8.87 4.18
N TYR A 97 4.37 -7.55 4.14
CA TYR A 97 5.54 -6.82 3.61
C TYR A 97 6.80 -6.96 4.40
N ASP A 98 6.69 -6.91 5.71
CA ASP A 98 7.88 -6.93 6.48
C ASP A 98 8.55 -8.33 6.39
N ASP A 99 7.75 -9.38 6.45
CA ASP A 99 8.22 -10.72 6.20
C ASP A 99 8.97 -10.87 4.89
N ILE A 100 8.45 -10.27 3.83
CA ILE A 100 9.19 -10.25 2.56
C ILE A 100 10.53 -9.50 2.70
N MET A 101 10.44 -8.26 3.18
CA MET A 101 11.61 -7.43 3.34
C MET A 101 12.73 -8.08 4.19
N ASP A 102 12.31 -8.77 5.22
CA ASP A 102 13.27 -9.39 6.14
C ASP A 102 13.67 -10.79 5.74
N HIS A 103 13.03 -11.33 4.70
CA HIS A 103 13.22 -12.73 4.26
C HIS A 103 13.01 -13.73 5.37
N SER A 104 11.95 -13.56 6.15
CA SER A 104 11.69 -14.42 7.32
C SER A 104 10.98 -15.69 6.92
N LYS A 105 10.82 -16.62 7.88
CA LYS A 105 10.32 -17.97 7.67
C LYS A 105 8.96 -18.28 8.26
N THR A 106 8.70 -17.83 9.48
CA THR A 106 7.50 -18.16 10.22
C THR A 106 6.91 -16.83 10.69
N ARG A 107 5.59 -16.74 10.63
CA ARG A 107 4.85 -15.66 11.31
C ARG A 107 3.71 -16.36 12.05
N ARG A 108 3.54 -16.02 13.34
CA ARG A 108 2.47 -16.58 14.19
C ARG A 108 2.39 -18.12 14.13
N GLY A 109 3.54 -18.78 14.16
CA GLY A 109 3.59 -20.26 14.18
C GLY A 109 3.29 -20.96 12.85
N LYS A 110 3.11 -20.19 11.78
CA LYS A 110 2.95 -20.76 10.44
C LYS A 110 3.99 -20.12 9.50
N PRO A 111 4.20 -20.70 8.30
CA PRO A 111 5.04 -20.03 7.33
C PRO A 111 4.54 -18.62 6.98
N CYS A 112 5.48 -17.73 6.65
CA CYS A 112 5.16 -16.41 6.20
C CYS A 112 4.31 -16.58 4.94
N TRP A 113 3.39 -15.66 4.75
CA TRP A 113 2.55 -15.65 3.57
C TRP A 113 3.27 -15.83 2.24
N TYR A 114 4.36 -15.09 2.01
CA TYR A 114 5.06 -15.12 0.72
C TYR A 114 5.72 -16.49 0.47
N LEU A 115 6.02 -17.20 1.54
CA LEU A 115 6.60 -18.54 1.51
C LEU A 115 5.59 -19.69 1.33
N HIS A 116 4.29 -19.43 1.46
CA HIS A 116 3.29 -20.41 1.00
C HIS A 116 3.56 -20.78 -0.45
N PRO A 117 3.60 -22.09 -0.77
CA PRO A 117 4.16 -22.45 -2.08
C PRO A 117 3.27 -21.97 -3.25
N GLY A 118 1.98 -21.83 -2.97
CA GLY A 118 1.00 -21.34 -3.94
C GLY A 118 0.90 -19.83 -3.96
N VAL A 119 1.73 -19.12 -3.21
CA VAL A 119 1.69 -17.66 -3.18
C VAL A 119 2.90 -17.03 -3.91
N THR A 120 4.06 -17.10 -3.25
CA THR A 120 5.33 -16.48 -3.67
C THR A 120 5.30 -14.96 -3.47
N ALA A 121 6.48 -14.39 -3.33
CA ALA A 121 6.58 -12.98 -3.08
C ALA A 121 5.94 -12.16 -4.22
N GLN A 122 5.92 -12.73 -5.43
CA GLN A 122 5.25 -12.08 -6.58
C GLN A 122 3.79 -11.80 -6.31
N VAL A 123 3.06 -12.80 -5.80
CA VAL A 123 1.63 -12.62 -5.53
C VAL A 123 1.40 -11.89 -4.21
N ALA A 124 2.14 -12.31 -3.17
CA ALA A 124 2.11 -11.66 -1.84
C ALA A 124 2.19 -10.14 -1.91
N ILE A 125 3.03 -9.61 -2.81
CA ILE A 125 3.19 -8.17 -2.97
C ILE A 125 1.86 -7.48 -3.34
N ASN A 126 1.07 -8.12 -4.19
CA ASN A 126 -0.24 -7.55 -4.50
C ASN A 126 -1.26 -7.86 -3.41
N ASP A 127 -1.11 -9.02 -2.78
CA ASP A 127 -1.98 -9.39 -1.68
C ASP A 127 -1.91 -8.37 -0.55
N GLY A 128 -0.69 -7.92 -0.27
CA GLY A 128 -0.49 -6.99 0.84
C GLY A 128 -1.25 -5.69 0.54
N LEU A 129 -1.31 -5.32 -0.74
CA LEU A 129 -2.07 -4.13 -1.11
C LEU A 129 -3.59 -4.25 -0.96
N ILE A 130 -4.07 -5.45 -1.17
CA ILE A 130 -5.51 -5.74 -1.01
C ILE A 130 -5.86 -5.55 0.47
N LEU A 131 -4.99 -6.05 1.36
CA LEU A 131 -5.19 -5.93 2.83
C LEU A 131 -5.29 -4.45 3.22
N LEU A 132 -4.37 -3.64 2.73
CA LEU A 132 -4.41 -2.23 3.07
C LEU A 132 -5.73 -1.59 2.58
N ALA A 133 -6.09 -1.88 1.34
CA ALA A 133 -7.30 -1.29 0.73
C ALA A 133 -8.57 -1.68 1.49
N TRP A 134 -8.64 -2.96 1.84
CA TRP A 134 -9.78 -3.50 2.60
C TRP A 134 -9.93 -2.71 3.91
N ALA A 135 -8.84 -2.31 4.57
CA ALA A 135 -8.89 -1.54 5.82
C ALA A 135 -9.71 -0.26 5.59
N THR A 136 -9.34 0.47 4.55
CA THR A 136 -10.15 1.65 4.20
C THR A 136 -11.61 1.29 3.79
N GLN A 137 -11.81 0.27 2.95
CA GLN A 137 -13.16 -0.22 2.64
C GLN A 137 -14.09 -0.43 3.86
N MET A 138 -13.55 -0.97 4.94
CA MET A 138 -14.38 -1.14 6.16
C MET A 138 -14.95 0.20 6.66
N ALA A 139 -14.14 1.24 6.73
CA ALA A 139 -14.59 2.53 7.24
C ALA A 139 -15.64 3.15 6.26
N LEU A 140 -15.33 3.08 4.96
CA LEU A 140 -16.20 3.62 3.93
C LEU A 140 -17.57 2.95 3.95
N HIS A 141 -17.58 1.65 4.19
CA HIS A 141 -18.89 0.97 4.27
C HIS A 141 -19.55 1.14 5.58
N TYR A 142 -18.87 0.77 6.69
CA TYR A 142 -19.58 0.74 7.96
C TYR A 142 -19.79 2.11 8.55
N PHE A 143 -18.91 3.05 8.27
CA PHE A 143 -19.05 4.41 8.87
C PHE A 143 -19.57 5.45 7.87
N ALA A 144 -20.16 5.01 6.76
CA ALA A 144 -20.70 5.88 5.69
C ALA A 144 -21.60 7.02 6.23
N ASP A 145 -22.43 6.75 7.23
CA ASP A 145 -23.35 7.77 7.80
C ASP A 145 -22.84 8.26 9.15
N ARG A 146 -21.56 8.07 9.41
CA ARG A 146 -20.99 8.42 10.74
C ARG A 146 -20.15 9.68 10.63
N PRO A 147 -20.36 10.65 11.53
CA PRO A 147 -19.63 11.91 11.46
C PRO A 147 -18.15 11.72 11.84
N PHE A 148 -17.80 10.64 12.52
CA PHE A 148 -16.39 10.45 12.82
C PHE A 148 -15.61 9.82 11.66
N LEU A 149 -16.30 9.51 10.56
CA LEU A 149 -15.66 8.88 9.39
C LEU A 149 -14.45 9.61 8.88
N ALA A 150 -14.56 10.90 8.67
CA ALA A 150 -13.42 11.69 8.18
C ALA A 150 -12.23 11.62 9.11
N GLU A 151 -12.43 11.75 10.41
CA GLU A 151 -11.33 11.70 11.42
C GLU A 151 -10.71 10.29 11.53
N VAL A 152 -11.51 9.25 11.34
CA VAL A 152 -11.02 7.85 11.31
C VAL A 152 -10.04 7.70 10.13
N LEU A 153 -10.46 8.10 8.93
CA LEU A 153 -9.62 8.04 7.71
C LEU A 153 -8.34 8.83 7.96
N ARG A 154 -8.49 10.06 8.44
CA ARG A 154 -7.37 10.97 8.69
C ARG A 154 -6.33 10.31 9.61
N VAL A 155 -6.76 9.87 10.78
CA VAL A 155 -5.76 9.26 11.70
C VAL A 155 -5.19 7.97 11.10
N PHE A 156 -6.03 7.13 10.49
CA PHE A 156 -5.58 5.88 9.85
C PHE A 156 -4.47 6.11 8.83
N HIS A 157 -4.69 7.03 7.88
CA HIS A 157 -3.70 7.29 6.80
C HIS A 157 -2.43 7.98 7.31
N ASP A 158 -2.60 8.83 8.30
CA ASP A 158 -1.46 9.53 8.93
C ASP A 158 -0.54 8.47 9.54
N VAL A 159 -1.13 7.54 10.27
CA VAL A 159 -0.38 6.49 10.99
C VAL A 159 0.24 5.53 9.98
N ASP A 160 -0.47 5.26 8.90
CA ASP A 160 0.10 4.38 7.89
C ASP A 160 1.37 5.04 7.33
N LEU A 161 1.27 6.34 6.98
CA LEU A 161 2.41 7.15 6.56
C LEU A 161 3.53 7.09 7.56
N THR A 162 3.19 7.35 8.82
CA THR A 162 4.20 7.41 9.88
C THR A 162 4.96 6.08 9.94
N THR A 163 4.21 5.00 9.96
CA THR A 163 4.83 3.67 9.99
C THR A 163 5.78 3.38 8.78
N THR A 164 5.39 3.74 7.57
CA THR A 164 6.28 3.54 6.41
C THR A 164 7.59 4.38 6.54
N ILE A 165 7.51 5.60 7.10
CA ILE A 165 8.77 6.37 7.36
C ILE A 165 9.54 5.65 8.47
N GLY A 166 8.82 5.14 9.48
CA GLY A 166 9.42 4.33 10.53
C GLY A 166 10.19 3.19 9.89
N GLN A 167 9.54 2.46 8.99
CA GLN A 167 10.18 1.35 8.26
C GLN A 167 11.37 1.79 7.40
N LEU A 168 11.28 2.95 6.74
CA LEU A 168 12.46 3.49 6.04
C LEU A 168 13.68 3.66 7.00
N TYR A 169 13.44 4.16 8.22
CA TYR A 169 14.53 4.29 9.18
C TYR A 169 15.10 2.93 9.51
N ASP A 170 14.22 1.93 9.63
CA ASP A 170 14.63 0.58 9.95
C ASP A 170 15.51 -0.04 8.84
N VAL A 171 15.05 0.03 7.58
CA VAL A 171 15.76 -0.70 6.53
C VAL A 171 17.03 -0.08 6.02
N THR A 172 17.24 1.17 6.36
CA THR A 172 18.41 1.91 5.97
C THR A 172 19.39 2.13 7.13
N SER A 173 19.20 1.43 8.25
CA SER A 173 19.82 1.81 9.50
C SER A 173 21.18 1.14 9.64
N MET A 174 21.42 0.11 8.81
CA MET A 174 22.70 -0.65 8.88
C MET A 174 23.66 -0.19 7.78
N VAL A 175 23.22 0.81 7.04
CA VAL A 175 24.08 1.41 6.03
C VAL A 175 24.43 2.83 6.46
N ASP A 176 25.59 3.30 6.08
CA ASP A 176 25.95 4.66 6.39
C ASP A 176 24.96 5.69 5.76
N SER A 177 24.34 6.54 6.60
CA SER A 177 23.27 7.42 6.10
C SER A 177 23.78 8.46 5.04
N ALA A 178 25.02 8.92 5.18
CA ALA A 178 25.65 9.80 4.22
C ALA A 178 25.82 9.11 2.85
N LYS A 179 25.79 7.76 2.85
CA LYS A 179 25.94 6.97 1.60
C LYS A 179 24.58 6.38 1.21
N LEU A 180 23.54 7.21 1.23
CA LEU A 180 22.17 6.75 0.86
C LEU A 180 21.88 7.15 -0.59
N ASP A 181 22.67 6.67 -1.54
CA ASP A 181 22.49 6.99 -2.98
C ASP A 181 21.72 5.85 -3.66
N ALA A 182 20.67 6.19 -4.41
CA ALA A 182 19.85 5.18 -5.11
C ALA A 182 20.64 4.62 -6.30
N LYS A 183 21.64 5.37 -6.77
CA LYS A 183 22.48 4.95 -7.91
C LYS A 183 23.70 4.09 -7.54
N VAL A 184 23.93 3.90 -6.24
CA VAL A 184 25.21 3.31 -5.78
C VAL A 184 24.95 2.30 -4.68
N ALA A 185 25.39 1.05 -4.87
CA ALA A 185 25.21 -0.01 -3.82
C ALA A 185 25.84 0.46 -2.53
N HIS A 186 25.20 0.07 -1.44
CA HIS A 186 25.59 0.47 -0.09
C HIS A 186 26.14 -0.73 0.68
N ALA A 187 27.43 -0.80 1.01
CA ALA A 187 27.88 -1.84 1.96
C ALA A 187 27.38 -1.58 3.40
N ASN A 188 26.98 -2.64 4.09
CA ASN A 188 26.66 -2.54 5.47
C ASN A 188 27.84 -1.95 6.24
N THR A 189 27.54 -1.17 7.26
CA THR A 189 28.56 -0.60 8.14
C THR A 189 29.55 -1.66 8.72
N THR A 190 30.78 -1.23 8.95
CA THR A 190 31.70 -2.01 9.72
C THR A 190 32.01 -1.27 11.01
N ASP A 191 31.67 -0.01 11.11
CA ASP A 191 32.02 0.68 12.37
C ASP A 191 30.88 1.02 13.29
N TYR A 192 29.65 1.00 12.75
CA TYR A 192 28.46 1.12 13.62
C TYR A 192 28.34 2.49 14.31
N VAL A 193 28.91 3.52 13.72
CA VAL A 193 28.85 4.88 14.27
C VAL A 193 27.39 5.34 14.45
N GLU A 194 26.49 4.83 13.60
CA GLU A 194 25.09 5.30 13.70
C GLU A 194 24.19 4.47 14.63
N TYR A 195 24.78 3.51 15.33
CA TYR A 195 24.04 2.64 16.19
C TYR A 195 23.92 3.34 17.54
N THR A 196 23.05 4.35 17.59
CA THR A 196 22.86 5.22 18.76
C THR A 196 21.45 5.21 19.41
N PRO A 197 21.36 5.56 20.73
CA PRO A 197 20.05 5.60 21.34
C PRO A 197 19.11 6.55 20.61
N PHE A 198 19.63 7.70 20.15
CA PHE A 198 18.80 8.53 19.29
C PHE A 198 18.29 7.77 18.01
N ASN A 199 19.15 7.06 17.28
CA ASN A 199 18.62 6.46 16.04
C ASN A 199 17.64 5.32 16.34
N HIS A 200 17.92 4.55 17.39
CA HIS A 200 17.08 3.46 17.78
C HIS A 200 15.70 3.96 18.23
N ARG A 201 15.66 4.99 19.06
CA ARG A 201 14.37 5.60 19.47
C ARG A 201 13.59 6.06 18.23
N ARG A 202 14.24 6.73 17.28
CA ARG A 202 13.53 7.26 16.12
C ARG A 202 12.93 6.10 15.28
N ILE A 203 13.67 5.00 15.11
CA ILE A 203 13.14 3.86 14.36
C ILE A 203 11.85 3.34 15.04
N VAL A 204 11.94 3.07 16.34
CA VAL A 204 10.87 2.28 16.95
C VAL A 204 9.68 3.15 17.25
N VAL A 205 9.90 4.43 17.55
CA VAL A 205 8.75 5.31 17.79
C VAL A 205 7.87 5.33 16.53
N TYR A 206 8.52 5.52 15.37
CA TYR A 206 7.78 5.64 14.12
C TYR A 206 7.27 4.33 13.47
N LYS A 207 8.04 3.23 13.59
CA LYS A 207 7.60 2.00 12.94
C LYS A 207 6.63 1.25 13.81
N THR A 208 6.55 1.61 15.10
CA THR A 208 5.84 0.77 16.03
C THR A 208 4.85 1.53 16.89
N ALA A 209 5.26 2.61 17.57
CA ALA A 209 4.44 3.19 18.68
C ALA A 209 3.17 3.78 18.13
N TYR A 210 3.28 4.42 16.98
CA TYR A 210 2.12 5.14 16.43
C TYR A 210 0.99 4.19 16.12
N TYR A 211 1.29 3.15 15.35
CA TYR A 211 0.22 2.25 14.92
C TYR A 211 -0.20 1.21 15.98
N THR A 212 0.71 0.92 16.91
CA THR A 212 0.45 -0.12 17.92
C THR A 212 -0.14 0.46 19.22
N TYR A 213 0.18 1.70 19.57
CA TYR A 213 -0.29 2.28 20.83
C TYR A 213 -1.23 3.47 20.59
N TRP A 214 -0.78 4.42 19.81
CA TRP A 214 -1.56 5.64 19.63
C TRP A 214 -2.80 5.42 18.78
N LEU A 215 -2.61 4.78 17.64
CA LEU A 215 -3.69 4.62 16.66
C LEU A 215 -4.85 3.95 17.33
N PRO A 216 -4.76 2.76 18.21
CA PRO A 216 -5.87 2.09 18.89
C PRO A 216 -6.58 2.99 19.92
N LEU A 217 -5.80 3.83 20.62
CA LEU A 217 -6.39 4.62 21.71
C LEU A 217 -7.27 5.65 21.07
N VAL A 218 -6.75 6.31 20.04
CA VAL A 218 -7.47 7.41 19.33
C VAL A 218 -8.77 6.91 18.69
N MET A 219 -8.70 5.80 17.99
CA MET A 219 -9.87 5.19 17.32
C MET A 219 -10.91 4.84 18.37
N GLY A 220 -10.52 4.29 19.51
CA GLY A 220 -11.47 4.03 20.61
C GLY A 220 -12.18 5.31 21.03
N LEU A 221 -11.46 6.41 21.06
CA LEU A 221 -12.02 7.74 21.42
C LEU A 221 -12.91 8.27 20.27
N LEU A 222 -12.47 8.10 19.03
CA LEU A 222 -13.25 8.66 17.91
C LEU A 222 -14.58 7.95 17.80
N VAL A 223 -14.59 6.62 17.96
CA VAL A 223 -15.85 5.90 17.70
C VAL A 223 -16.84 6.16 18.85
N SER A 224 -16.32 6.42 20.05
CA SER A 224 -17.21 6.69 21.18
C SER A 224 -17.61 8.18 21.29
N GLY A 225 -17.10 9.01 20.40
CA GLY A 225 -17.34 10.47 20.36
C GLY A 225 -16.75 11.20 21.55
N THR A 226 -15.68 10.68 22.13
CA THR A 226 -15.10 11.26 23.36
C THR A 226 -13.66 11.79 23.19
N LEU A 227 -13.17 11.84 21.95
CA LEU A 227 -11.78 12.32 21.67
C LEU A 227 -11.61 13.73 22.26
N GLU A 228 -12.73 14.43 22.52
CA GLU A 228 -12.68 15.80 23.08
C GLU A 228 -13.00 15.74 24.58
N LYS A 229 -12.39 14.78 25.29
CA LYS A 229 -12.61 14.62 26.76
C LYS A 229 -11.30 14.21 27.43
N VAL A 230 -10.25 13.99 26.63
CA VAL A 230 -8.91 13.60 27.17
C VAL A 230 -7.81 14.54 26.69
N ASP A 231 -6.76 14.63 27.47
CA ASP A 231 -5.57 15.41 27.10
C ASP A 231 -4.87 14.74 25.89
N LYS A 232 -5.00 15.32 24.70
CA LYS A 232 -4.33 14.76 23.52
C LYS A 232 -2.78 14.64 23.69
N LYS A 233 -2.15 15.66 24.27
CA LYS A 233 -0.73 15.62 24.51
C LYS A 233 -0.28 14.49 25.46
N ALA A 234 -0.96 14.37 26.61
CA ALA A 234 -0.64 13.32 27.55
C ALA A 234 -0.88 11.94 26.87
N THR A 235 -1.93 11.86 26.05
CA THR A 235 -2.33 10.59 25.42
C THR A 235 -1.17 10.15 24.49
N HIS A 236 -0.73 11.08 23.66
CA HIS A 236 0.34 10.80 22.71
C HIS A 236 1.60 10.39 23.45
N LYS A 237 1.91 11.11 24.51
CA LYS A 237 3.10 10.85 25.31
C LYS A 237 3.13 9.44 25.84
N VAL A 238 2.03 9.02 26.46
CA VAL A 238 1.95 7.67 27.06
C VAL A 238 2.02 6.55 25.98
N ALA A 239 1.45 6.84 24.80
CA ALA A 239 1.55 5.96 23.63
C ALA A 239 2.99 5.85 23.18
N MET A 240 3.75 6.95 23.22
CA MET A 240 5.12 6.92 22.73
C MET A 240 5.97 6.09 23.68
N VAL A 241 5.79 6.29 24.99
CA VAL A 241 6.54 5.55 26.01
C VAL A 241 6.31 4.02 26.02
N MET A 242 5.03 3.65 26.09
CA MET A 242 4.64 2.24 26.03
C MET A 242 5.10 1.61 24.69
N GLY A 243 5.01 2.37 23.62
CA GLY A 243 5.28 1.84 22.31
C GLY A 243 6.75 1.60 22.07
N GLU A 244 7.58 2.50 22.56
CA GLU A 244 9.02 2.32 22.47
C GLU A 244 9.34 1.06 23.29
N TYR A 245 8.79 0.99 24.49
CA TYR A 245 9.07 -0.13 25.37
C TYR A 245 8.59 -1.43 24.70
N PHE A 246 7.40 -1.37 24.07
CA PHE A 246 6.88 -2.55 23.41
C PHE A 246 7.87 -3.06 22.33
N GLN A 247 8.51 -2.10 21.63
CA GLN A 247 9.50 -2.43 20.58
C GLN A 247 10.77 -2.97 21.26
N VAL A 248 11.13 -2.40 22.40
CA VAL A 248 12.35 -2.84 23.17
C VAL A 248 12.18 -4.32 23.53
N GLN A 249 10.99 -4.69 24.03
CA GLN A 249 10.70 -6.10 24.42
C GLN A 249 10.80 -6.98 23.17
N ASP A 250 10.27 -6.49 22.04
CA ASP A 250 10.31 -7.25 20.76
C ASP A 250 11.77 -7.43 20.33
N ASP A 251 12.63 -6.47 20.67
CA ASP A 251 14.07 -6.54 20.29
C ASP A 251 14.80 -7.50 21.25
N VAL A 252 14.40 -7.52 22.53
CA VAL A 252 15.02 -8.37 23.50
C VAL A 252 14.67 -9.85 23.20
N MET A 253 13.42 -10.07 22.84
CA MET A 253 12.91 -11.41 22.60
C MET A 253 13.49 -12.01 21.31
N ASP A 254 13.79 -11.17 20.32
CA ASP A 254 14.47 -11.63 19.09
C ASP A 254 15.72 -12.47 19.42
N CYS A 255 16.49 -12.01 20.36
CA CYS A 255 17.67 -12.73 20.79
C CYS A 255 17.33 -13.74 21.88
N PHE A 256 16.52 -13.39 22.91
CA PHE A 256 16.42 -14.26 24.11
C PHE A 256 15.20 -15.13 24.25
N THR A 257 14.21 -15.00 23.36
CA THR A 257 13.03 -15.84 23.50
C THR A 257 13.06 -16.91 22.41
N PRO A 258 12.88 -18.21 22.78
CA PRO A 258 12.89 -19.28 21.76
C PRO A 258 11.84 -18.99 20.66
N PRO A 259 12.20 -19.08 19.35
CA PRO A 259 11.27 -18.89 18.25
C PRO A 259 9.94 -19.62 18.41
N GLU A 260 9.93 -20.69 19.19
CA GLU A 260 8.78 -21.53 19.30
C GLU A 260 7.76 -20.86 20.14
N LYS A 261 8.20 -20.31 21.25
CA LYS A 261 7.28 -19.65 22.13
C LYS A 261 6.83 -18.39 21.38
N LEU A 262 7.76 -17.77 20.66
CA LEU A 262 7.46 -16.47 20.06
C LEU A 262 6.52 -16.53 18.82
N GLY A 263 6.55 -17.61 18.03
CA GLY A 263 5.77 -17.75 16.78
C GLY A 263 6.53 -17.24 15.55
N LYS A 264 7.77 -16.81 15.74
CA LYS A 264 8.52 -16.23 14.64
C LYS A 264 10.03 -16.42 14.90
N ILE A 265 10.85 -16.35 13.85
CA ILE A 265 12.32 -16.51 13.94
C ILE A 265 12.97 -15.19 13.51
N GLY A 266 13.39 -14.37 14.47
CA GLY A 266 14.03 -13.11 14.21
C GLY A 266 15.44 -13.32 13.68
N THR A 267 15.84 -12.41 12.78
CA THR A 267 17.19 -12.40 12.26
C THR A 267 17.81 -11.02 12.48
N ASP A 268 17.41 -10.33 13.56
CA ASP A 268 18.08 -9.06 13.91
C ASP A 268 19.62 -9.16 13.84
N ILE A 269 20.15 -10.27 14.33
CA ILE A 269 21.62 -10.40 14.46
C ILE A 269 22.29 -10.64 13.12
N GLU A 270 21.66 -11.56 12.39
CA GLU A 270 22.07 -11.93 11.02
C GLU A 270 21.96 -10.71 10.09
N ASP A 271 20.89 -9.90 10.24
CA ASP A 271 20.69 -8.70 9.40
C ASP A 271 21.37 -7.50 10.07
N ALA A 272 21.87 -7.69 11.31
CA ALA A 272 22.55 -6.62 12.07
C ALA A 272 21.68 -5.36 12.06
N LYS A 273 20.41 -5.49 12.44
CA LYS A 273 19.47 -4.33 12.48
C LYS A 273 19.72 -3.52 13.75
N CYS A 274 19.38 -2.22 13.73
CA CYS A 274 19.57 -1.34 14.90
C CYS A 274 18.57 -1.71 16.00
N SER A 275 18.89 -2.74 16.79
CA SER A 275 18.00 -3.19 17.90
C SER A 275 18.32 -2.43 19.19
N TRP A 276 17.56 -2.68 20.25
CA TRP A 276 17.77 -2.00 21.56
C TRP A 276 18.95 -2.65 22.30
N LEU A 277 19.20 -3.94 22.03
CA LEU A 277 20.30 -4.69 22.68
C LEU A 277 21.64 -4.22 22.09
N ALA A 278 21.80 -4.35 20.77
CA ALA A 278 23.05 -3.95 20.09
C ALA A 278 23.44 -2.52 20.50
N VAL A 279 22.51 -1.57 20.30
CA VAL A 279 22.77 -0.14 20.65
C VAL A 279 23.27 -0.05 22.10
N THR A 280 22.50 -0.60 23.05
CA THR A 280 22.87 -0.58 24.48
C THR A 280 24.24 -1.26 24.67
N PHE A 281 24.37 -2.49 24.19
CA PHE A 281 25.63 -3.28 24.32
C PHE A 281 26.83 -2.43 23.84
N LEU A 282 26.71 -1.83 22.66
CA LEU A 282 27.80 -1.01 22.06
C LEU A 282 28.19 0.14 22.99
N THR A 283 27.20 0.78 23.63
CA THR A 283 27.48 1.93 24.54
C THR A 283 27.54 1.48 26.00
N THR A 284 27.87 0.21 26.26
CA THR A 284 27.96 -0.29 27.67
C THR A 284 29.14 -1.27 27.78
N ALA A 285 29.40 -2.05 26.73
CA ALA A 285 30.51 -3.04 26.75
C ALA A 285 31.84 -2.34 26.47
N PRO A 286 33.00 -3.00 26.71
CA PRO A 286 34.31 -2.39 26.47
C PRO A 286 34.72 -2.42 24.99
N ALA A 287 35.98 -2.10 24.83
CA ALA A 287 36.52 -2.04 23.48
C ALA A 287 36.76 -3.46 23.00
N GLU A 288 37.39 -4.32 23.79
CA GLU A 288 37.66 -5.70 23.32
C GLU A 288 36.34 -6.39 22.94
N LYS A 289 35.30 -6.24 23.76
CA LYS A 289 33.97 -6.82 23.53
C LYS A 289 33.34 -6.17 22.28
N VAL A 290 33.40 -4.83 22.20
CA VAL A 290 32.83 -4.09 21.05
C VAL A 290 33.51 -4.56 19.75
N ALA A 291 34.83 -4.74 19.79
CA ALA A 291 35.60 -5.19 18.61
C ALA A 291 35.19 -6.61 18.21
N GLU A 292 34.94 -7.47 19.21
CA GLU A 292 34.53 -8.88 18.95
C GLU A 292 33.11 -8.91 18.38
N PHE A 293 32.27 -7.94 18.78
CA PHE A 293 30.87 -7.87 18.30
C PHE A 293 30.83 -7.33 16.87
N LYS A 294 31.80 -6.47 16.52
CA LYS A 294 31.89 -5.87 15.16
C LYS A 294 32.28 -6.96 14.15
N ALA A 295 33.07 -7.94 14.60
CA ALA A 295 33.54 -9.04 13.71
C ALA A 295 32.70 -10.30 13.97
N ASN A 296 31.39 -10.14 14.12
CA ASN A 296 30.47 -11.29 14.38
C ASN A 296 29.05 -10.89 14.01
N TYR A 297 28.66 -9.64 14.27
CA TYR A 297 27.30 -9.14 13.96
C TYR A 297 27.14 -9.00 12.44
N GLY A 298 25.94 -9.27 11.94
CA GLY A 298 25.62 -9.17 10.50
C GLY A 298 26.04 -10.38 9.69
N SER A 299 26.27 -11.51 10.36
CA SER A 299 26.63 -12.73 9.67
C SER A 299 25.59 -13.82 9.89
N THR A 300 25.16 -14.48 8.83
CA THR A 300 24.23 -15.59 8.92
C THR A 300 24.87 -16.92 9.53
N ASP A 301 26.18 -16.95 9.69
CA ASP A 301 26.87 -18.11 10.30
C ASP A 301 26.36 -18.40 11.72
N PRO A 302 25.81 -19.61 11.92
CA PRO A 302 25.32 -19.95 13.27
C PRO A 302 26.32 -19.71 14.42
N ALA A 303 27.61 -19.96 14.21
CA ALA A 303 28.66 -19.70 15.27
C ALA A 303 28.83 -18.21 15.57
N ALA A 304 28.76 -17.39 14.53
CA ALA A 304 28.91 -15.95 14.72
C ALA A 304 27.70 -15.36 15.48
N VAL A 305 26.51 -15.83 15.14
CA VAL A 305 25.26 -15.41 15.86
C VAL A 305 25.40 -15.90 17.34
N ALA A 306 25.88 -17.15 17.56
CA ALA A 306 26.16 -17.60 18.96
C ALA A 306 27.16 -16.68 19.70
N VAL A 307 28.21 -16.24 19.04
CA VAL A 307 29.11 -15.25 19.65
C VAL A 307 28.35 -13.97 20.08
N ILE A 308 27.41 -13.53 19.24
CA ILE A 308 26.72 -12.28 19.56
C ILE A 308 25.88 -12.44 20.82
N LYS A 309 25.09 -13.52 20.84
CA LYS A 309 24.22 -13.83 21.96
C LYS A 309 25.03 -13.99 23.23
N GLN A 310 26.15 -14.68 23.14
CA GLN A 310 27.12 -14.79 24.26
C GLN A 310 27.70 -13.45 24.73
N LEU A 311 28.11 -12.56 23.80
CA LEU A 311 28.46 -11.17 24.17
C LEU A 311 27.33 -10.45 24.96
N TYR A 312 26.11 -10.52 24.41
CA TYR A 312 24.97 -9.91 25.03
C TYR A 312 24.79 -10.44 26.44
N THR A 313 24.85 -11.76 26.61
CA THR A 313 24.67 -12.42 27.89
C THR A 313 25.71 -11.92 28.89
N GLU A 314 26.99 -12.02 28.53
CA GLU A 314 28.05 -11.50 29.37
C GLU A 314 27.93 -9.99 29.63
N GLN A 315 27.35 -9.21 28.72
CA GLN A 315 27.21 -7.76 29.01
C GLN A 315 25.97 -7.46 29.86
N ASN A 316 25.33 -8.53 30.33
CA ASN A 316 24.17 -8.46 31.20
C ASN A 316 23.02 -7.70 30.57
N LEU A 317 22.73 -7.98 29.32
CA LEU A 317 21.72 -7.20 28.60
C LEU A 317 20.32 -7.38 29.18
N LEU A 318 19.98 -8.61 29.60
CA LEU A 318 18.71 -8.88 30.26
C LEU A 318 18.52 -7.98 31.50
N ALA A 319 19.59 -7.83 32.25
CA ALA A 319 19.60 -7.04 33.49
C ALA A 319 19.44 -5.54 33.20
N ARG A 320 20.11 -5.04 32.16
CA ARG A 320 19.94 -3.65 31.75
C ARG A 320 18.50 -3.44 31.25
N PHE A 321 17.95 -4.40 30.54
CA PHE A 321 16.51 -4.36 30.24
C PHE A 321 15.56 -4.31 31.48
N GLU A 322 15.83 -5.11 32.52
CA GLU A 322 15.02 -5.01 33.73
C GLU A 322 15.00 -3.62 34.29
N GLU A 323 16.19 -3.02 34.37
CA GLU A 323 16.36 -1.68 34.87
C GLU A 323 15.63 -0.66 33.99
N TYR A 324 15.78 -0.78 32.68
CA TYR A 324 15.03 0.05 31.75
C TYR A 324 13.50 -0.05 31.95
N GLU A 325 13.02 -1.28 32.14
CA GLU A 325 11.62 -1.55 32.38
C GLU A 325 11.12 -0.89 33.70
N LYS A 326 12.00 -0.83 34.71
CA LYS A 326 11.66 -0.14 35.93
C LYS A 326 11.40 1.35 35.72
N ALA A 327 12.29 2.01 34.97
CA ALA A 327 12.12 3.43 34.68
C ALA A 327 10.82 3.70 33.86
N VAL A 328 10.50 2.79 32.93
CA VAL A 328 9.33 2.91 32.09
C VAL A 328 8.10 2.68 32.98
N VAL A 329 8.11 1.64 33.81
CA VAL A 329 6.98 1.49 34.73
C VAL A 329 6.75 2.77 35.56
N ALA A 330 7.81 3.35 36.14
CA ALA A 330 7.68 4.59 36.93
C ALA A 330 7.04 5.66 36.06
N GLU A 331 7.50 5.77 34.82
CA GLU A 331 7.00 6.90 34.01
C GLU A 331 5.57 6.66 33.47
N VAL A 332 5.27 5.46 32.96
CA VAL A 332 3.86 5.15 32.57
C VAL A 332 2.88 5.41 33.73
N GLU A 333 3.24 4.96 34.92
CA GLU A 333 2.35 5.12 36.04
C GLU A 333 2.07 6.60 36.37
N GLN A 334 3.10 7.43 36.32
CA GLN A 334 2.93 8.83 36.55
C GLN A 334 2.01 9.42 35.50
N LEU A 335 2.24 9.07 34.24
CA LEU A 335 1.45 9.60 33.14
C LEU A 335 -0.03 9.11 33.23
N ILE A 336 -0.25 7.87 33.65
CA ILE A 336 -1.64 7.38 33.83
C ILE A 336 -2.33 8.13 34.99
N ALA A 337 -1.59 8.33 36.09
CA ALA A 337 -2.15 9.01 37.24
C ALA A 337 -2.59 10.43 36.83
N ALA A 338 -1.75 11.10 36.04
CA ALA A 338 -2.07 12.38 35.44
C ALA A 338 -3.35 12.39 34.58
N LEU A 339 -3.49 11.37 33.72
CA LEU A 339 -4.71 11.15 32.91
C LEU A 339 -5.97 10.93 33.75
N GLU A 340 -5.79 10.13 34.80
CA GLU A 340 -6.81 9.69 35.74
C GLU A 340 -7.37 10.85 36.53
N ALA A 341 -6.53 11.84 36.82
CA ALA A 341 -6.98 13.12 37.38
C ALA A 341 -7.99 13.84 36.48
N GLN A 342 -7.91 13.62 35.16
CA GLN A 342 -8.77 14.25 34.15
C GLN A 342 -9.97 13.41 33.68
N ASN A 343 -9.76 12.15 33.40
CA ASN A 343 -10.85 11.27 32.99
C ASN A 343 -10.47 9.91 33.45
N ALA A 344 -11.14 9.41 34.49
CA ALA A 344 -10.68 8.19 35.16
C ALA A 344 -10.92 7.04 34.22
N ALA A 345 -12.09 7.11 33.52
CA ALA A 345 -12.50 6.08 32.53
C ALA A 345 -11.43 5.84 31.46
N PHE A 346 -10.96 6.88 30.77
CA PHE A 346 -9.89 6.69 29.76
C PHE A 346 -8.58 6.20 30.37
N ALA A 347 -8.18 6.77 31.52
CA ALA A 347 -7.00 6.27 32.18
C ALA A 347 -7.05 4.76 32.52
N ALA A 348 -8.23 4.26 32.93
CA ALA A 348 -8.41 2.82 33.22
C ALA A 348 -8.19 1.97 31.93
N SER A 349 -8.66 2.49 30.81
CA SER A 349 -8.48 1.77 29.53
C SER A 349 -7.01 1.84 29.09
N VAL A 350 -6.28 2.90 29.44
CA VAL A 350 -4.83 2.90 29.21
C VAL A 350 -4.13 1.85 30.11
N LYS A 351 -4.57 1.68 31.35
CA LYS A 351 -4.06 0.58 32.23
C LYS A 351 -4.32 -0.84 31.65
N VAL A 352 -5.50 -1.05 31.05
CA VAL A 352 -5.81 -2.36 30.48
C VAL A 352 -4.72 -2.64 29.42
N LEU A 353 -4.47 -1.67 28.54
CA LEU A 353 -3.46 -1.77 27.47
C LEU A 353 -2.04 -1.97 28.09
N TRP A 354 -1.68 -1.10 29.02
CA TRP A 354 -0.41 -1.28 29.76
C TRP A 354 -0.20 -2.68 30.33
N SER A 355 -1.23 -3.23 30.97
CA SER A 355 -1.10 -4.56 31.61
C SER A 355 -1.00 -5.75 30.64
N LYS A 356 -1.54 -5.64 29.44
CA LYS A 356 -1.24 -6.60 28.37
C LYS A 356 0.15 -6.40 27.75
N THR A 357 0.84 -5.32 28.13
CA THR A 357 2.18 -4.99 27.59
C THR A 357 3.33 -5.30 28.61
N TYR A 358 3.26 -4.68 29.78
CA TYR A 358 4.25 -4.86 30.83
C TYR A 358 4.57 -6.32 31.08
N LYS A 359 5.84 -6.71 30.89
CA LYS A 359 6.29 -8.09 31.15
C LYS A 359 5.60 -9.20 30.39
N ARG A 360 5.03 -8.88 29.22
CA ARG A 360 4.54 -9.89 28.29
C ARG A 360 5.72 -10.78 27.92
N GLN A 361 5.36 -11.97 27.45
CA GLN A 361 6.36 -12.99 27.13
C GLN A 361 6.33 -13.40 25.66
N LYS A 362 5.39 -12.84 24.91
CA LYS A 362 5.36 -12.98 23.45
C LYS A 362 4.57 -11.85 22.84
N MET B 1 -0.13 20.02 -22.92
CA MET B 1 -0.89 21.14 -23.39
C MET B 1 -1.07 22.29 -22.41
N ALA B 2 -2.26 22.84 -22.36
CA ALA B 2 -2.39 24.12 -21.67
C ALA B 2 -1.84 24.13 -20.23
N HIS B 3 -1.87 22.98 -19.56
CA HIS B 3 -1.74 22.96 -18.13
C HIS B 3 -0.50 22.34 -17.60
N MET B 4 0.37 21.89 -18.49
CA MET B 4 1.65 21.35 -18.13
C MET B 4 2.49 22.21 -17.21
N GLU B 5 2.59 23.48 -17.53
CA GLU B 5 3.48 24.36 -16.84
C GLU B 5 2.96 24.58 -15.40
N ARG B 6 1.66 24.78 -15.27
CA ARG B 6 1.06 24.91 -13.96
C ARG B 6 1.14 23.60 -13.17
N PHE B 7 0.95 22.48 -13.88
CA PHE B 7 0.97 21.17 -13.25
C PHE B 7 2.35 20.87 -12.70
N GLN B 8 3.38 21.25 -13.44
CA GLN B 8 4.78 21.01 -12.99
C GLN B 8 5.15 21.91 -11.82
N LYS B 9 4.74 23.17 -11.87
CA LYS B 9 4.84 24.06 -10.66
C LYS B 9 4.22 23.45 -9.39
N VAL B 10 3.04 22.85 -9.56
CA VAL B 10 2.38 22.23 -8.38
C VAL B 10 3.19 21.04 -7.92
N TYR B 11 3.79 20.32 -8.85
CA TYR B 11 4.69 19.21 -8.39
C TYR B 11 5.76 19.73 -7.40
N GLU B 12 6.44 20.82 -7.74
CA GLU B 12 7.49 21.36 -6.87
C GLU B 12 6.91 21.71 -5.48
N GLU B 13 5.76 22.35 -5.49
CA GLU B 13 5.08 22.72 -4.26
C GLU B 13 4.71 21.54 -3.36
N VAL B 14 4.10 20.53 -3.96
CA VAL B 14 3.73 19.36 -3.26
C VAL B 14 4.95 18.57 -2.79
N GLN B 15 6.01 18.53 -3.59
CA GLN B 15 7.18 17.81 -3.09
C GLN B 15 7.77 18.53 -1.84
N GLU B 16 7.86 19.87 -1.90
CA GLU B 16 8.43 20.61 -0.77
C GLU B 16 7.52 20.47 0.47
N PHE B 17 6.20 20.52 0.24
CA PHE B 17 5.30 20.25 1.31
C PHE B 17 5.59 18.92 1.97
N LEU B 18 5.53 17.86 1.17
CA LEU B 18 5.69 16.47 1.68
C LEU B 18 7.01 16.19 2.39
N LEU B 19 8.10 16.68 1.84
CA LEU B 19 9.42 16.45 2.44
C LEU B 19 9.58 17.23 3.75
N GLY B 20 9.01 18.43 3.78
CA GLY B 20 8.96 19.28 4.94
C GLY B 20 8.10 18.75 6.07
N ASP B 21 6.98 18.11 5.71
CA ASP B 21 6.11 17.49 6.72
C ASP B 21 6.81 16.34 7.40
N ALA B 22 7.61 15.62 6.65
CA ALA B 22 8.39 14.50 7.21
C ALA B 22 9.47 15.02 8.16
N GLU B 23 10.10 16.13 7.79
CA GLU B 23 11.07 16.78 8.64
C GLU B 23 10.39 17.22 9.90
N LYS B 24 9.17 17.73 9.77
CA LYS B 24 8.56 18.30 10.94
C LYS B 24 7.95 17.19 11.84
N ARG B 25 7.45 16.12 11.23
CA ARG B 25 6.69 15.17 12.00
C ARG B 25 7.47 13.93 12.47
N PHE B 26 8.45 13.51 11.69
CA PHE B 26 9.15 12.24 11.80
C PHE B 26 10.64 12.46 12.04
N GLU B 27 11.04 13.70 12.28
CA GLU B 27 12.45 13.95 12.62
C GLU B 27 13.34 13.49 11.46
N MET B 28 12.81 13.63 10.25
CA MET B 28 13.50 13.27 9.02
C MET B 28 14.89 13.98 8.91
N ASP B 29 15.96 13.21 8.74
CA ASP B 29 17.28 13.76 8.51
C ASP B 29 17.50 14.12 7.03
N VAL B 30 18.58 14.88 6.83
CA VAL B 30 18.91 15.50 5.53
C VAL B 30 19.18 14.45 4.44
N HIS B 31 19.84 13.36 4.81
CA HIS B 31 20.20 12.30 3.85
C HIS B 31 19.03 11.53 3.36
N ARG B 32 18.13 11.18 4.28
CA ARG B 32 16.92 10.44 3.89
C ARG B 32 15.93 11.32 3.13
N LYS B 33 15.88 12.59 3.51
CA LYS B 33 15.13 13.59 2.81
C LYS B 33 15.53 13.58 1.32
N GLY B 34 16.83 13.63 1.08
CA GLY B 34 17.35 13.55 -0.31
C GLY B 34 17.07 12.22 -0.97
N TYR B 35 17.20 11.11 -0.25
CA TYR B 35 16.84 9.83 -0.83
C TYR B 35 15.33 9.85 -1.30
N LEU B 36 14.45 10.24 -0.39
CA LEU B 36 13.04 10.46 -0.71
C LEU B 36 12.74 11.42 -1.87
N LYS B 37 13.44 12.55 -1.95
CA LYS B 37 13.38 13.40 -3.10
C LYS B 37 13.72 12.63 -4.38
N SER B 38 14.85 11.90 -4.42
CA SER B 38 15.25 11.16 -5.65
C SER B 38 14.24 10.07 -5.97
N MET B 39 13.77 9.37 -4.93
CA MET B 39 12.72 8.36 -5.10
C MET B 39 11.43 8.99 -5.73
N MET B 40 10.93 10.08 -5.19
CA MET B 40 9.69 10.71 -5.71
C MET B 40 9.86 11.13 -7.20
N ASP B 41 11.03 11.74 -7.51
CA ASP B 41 11.35 12.23 -8.85
C ASP B 41 11.53 11.07 -9.82
N THR B 42 12.19 10.01 -9.38
CA THR B 42 12.34 8.84 -10.21
C THR B 42 11.09 8.05 -10.48
N THR B 43 10.22 7.90 -9.51
CA THR B 43 8.99 7.14 -9.70
C THR B 43 7.76 7.89 -10.30
N CYS B 44 7.69 9.21 -10.10
CA CYS B 44 6.51 10.05 -10.39
C CYS B 44 6.65 10.90 -11.65
N LEU B 45 7.89 11.04 -12.16
CA LEU B 45 8.18 11.90 -13.30
C LEU B 45 8.52 11.05 -14.52
N GLY B 46 8.44 11.65 -15.71
CA GLY B 46 8.92 10.98 -16.91
C GLY B 46 7.83 10.24 -17.64
N GLY B 47 6.61 10.23 -17.10
CA GLY B 47 5.47 9.56 -17.78
C GLY B 47 4.85 10.53 -18.71
N LYS B 48 3.68 10.23 -19.28
CA LYS B 48 3.01 11.24 -20.17
C LYS B 48 2.07 12.20 -19.40
N TYR B 49 1.84 11.94 -18.12
CA TYR B 49 0.95 12.78 -17.29
C TYR B 49 -0.52 12.83 -17.81
N ASN B 50 -0.93 11.81 -18.58
CA ASN B 50 -2.31 11.75 -19.11
C ASN B 50 -3.34 11.74 -17.99
N ARG B 51 -3.06 11.09 -16.85
CA ARG B 51 -4.08 11.02 -15.81
C ARG B 51 -4.15 12.31 -15.05
N GLY B 52 -2.98 12.85 -14.66
CA GLY B 52 -2.97 14.11 -13.94
C GLY B 52 -3.51 15.25 -14.75
N LEU B 53 -3.10 15.38 -15.99
CA LEU B 53 -3.50 16.53 -16.79
C LEU B 53 -5.02 16.49 -17.09
N CYS B 54 -5.58 15.31 -17.27
CA CYS B 54 -7.04 15.13 -17.41
C CYS B 54 -7.83 15.76 -16.26
N VAL B 55 -7.39 15.54 -15.01
CA VAL B 55 -8.07 16.16 -13.87
C VAL B 55 -8.14 17.65 -14.16
N VAL B 56 -7.03 18.25 -14.60
CA VAL B 56 -7.01 19.70 -14.76
C VAL B 56 -7.90 20.08 -15.98
N ASP B 57 -7.82 19.33 -17.10
CA ASP B 57 -8.67 19.69 -18.27
C ASP B 57 -10.16 19.62 -17.91
N VAL B 58 -10.56 18.53 -17.26
CA VAL B 58 -11.92 18.40 -16.77
C VAL B 58 -12.33 19.53 -15.82
N ALA B 59 -11.58 19.73 -14.74
CA ALA B 59 -11.90 20.78 -13.75
C ALA B 59 -12.10 22.16 -14.40
N GLU B 60 -11.18 22.55 -15.28
CA GLU B 60 -11.28 23.83 -15.97
C GLU B 60 -12.42 23.94 -16.98
N ALA B 61 -12.62 22.90 -17.80
CA ALA B 61 -13.84 22.79 -18.62
C ALA B 61 -15.12 23.08 -17.84
N MET B 62 -15.22 22.48 -16.66
CA MET B 62 -16.40 22.60 -15.84
C MET B 62 -16.41 23.96 -15.14
N ALA B 63 -15.24 24.44 -14.68
CA ALA B 63 -15.21 25.74 -14.00
C ALA B 63 -15.57 26.91 -14.93
N LYS B 64 -15.16 26.82 -16.20
CA LYS B 64 -15.46 27.86 -17.19
C LYS B 64 -16.96 27.81 -17.48
N ASP B 65 -17.52 26.61 -17.49
CA ASP B 65 -18.95 26.44 -17.73
C ASP B 65 -19.79 26.94 -16.56
N THR B 66 -19.12 27.28 -15.45
CA THR B 66 -19.73 27.86 -14.25
C THR B 66 -19.41 29.35 -14.33
N GLN B 67 -20.08 30.16 -13.53
CA GLN B 67 -19.69 31.56 -13.43
C GLN B 67 -18.89 31.69 -12.13
N MET B 68 -17.60 32.03 -12.21
CA MET B 68 -16.83 32.27 -10.97
C MET B 68 -15.72 33.28 -11.14
N ASP B 69 -15.32 33.90 -10.03
CA ASP B 69 -14.30 34.94 -10.10
C ASP B 69 -12.90 34.36 -10.23
N ALA B 70 -11.93 35.24 -10.47
CA ALA B 70 -10.54 34.88 -10.67
C ALA B 70 -9.97 33.99 -9.54
N ALA B 71 -10.20 34.37 -8.29
CA ALA B 71 -9.62 33.61 -7.18
C ALA B 71 -10.24 32.19 -7.09
N ALA B 72 -11.53 32.09 -7.33
CA ALA B 72 -12.17 30.78 -7.33
C ALA B 72 -11.70 29.90 -8.52
N MET B 73 -11.43 30.51 -9.67
CA MET B 73 -10.99 29.71 -10.78
C MET B 73 -9.58 29.22 -10.48
N GLU B 74 -8.75 30.12 -9.93
CA GLU B 74 -7.39 29.76 -9.54
C GLU B 74 -7.38 28.60 -8.54
N ARG B 75 -8.33 28.63 -7.60
CA ARG B 75 -8.42 27.59 -6.57
C ARG B 75 -8.78 26.25 -7.20
N VAL B 76 -9.78 26.26 -8.09
CA VAL B 76 -10.21 25.00 -8.76
C VAL B 76 -9.03 24.36 -9.48
N LEU B 77 -8.26 25.16 -10.22
CA LEU B 77 -7.17 24.69 -11.02
C LEU B 77 -6.06 24.11 -10.15
N HIS B 78 -5.72 24.82 -9.06
CA HIS B 78 -4.71 24.37 -8.12
C HIS B 78 -5.13 23.07 -7.44
N ASP B 79 -6.37 22.98 -7.04
CA ASP B 79 -6.86 21.79 -6.36
C ASP B 79 -6.83 20.69 -7.40
N ALA B 80 -7.23 21.02 -8.64
CA ALA B 80 -7.21 20.03 -9.69
C ALA B 80 -5.81 19.46 -9.83
N CYS B 81 -4.80 20.33 -9.90
CA CYS B 81 -3.37 19.87 -10.03
C CYS B 81 -2.97 18.93 -8.87
N VAL B 82 -3.40 19.26 -7.67
CA VAL B 82 -3.11 18.41 -6.50
C VAL B 82 -3.78 17.04 -6.69
N CYS B 83 -5.06 17.05 -7.02
CA CYS B 83 -5.76 15.83 -7.40
C CYS B 83 -5.06 15.03 -8.49
N GLY B 84 -4.62 15.71 -9.56
CA GLY B 84 -3.85 15.06 -10.61
C GLY B 84 -2.58 14.43 -10.10
N TRP B 85 -1.93 15.08 -9.14
CA TRP B 85 -0.73 14.51 -8.54
C TRP B 85 -1.02 13.34 -7.61
N MET B 86 -2.18 13.36 -6.93
CA MET B 86 -2.61 12.15 -6.19
C MET B 86 -2.64 10.98 -7.17
N ILE B 87 -3.20 11.21 -8.36
CA ILE B 87 -3.32 10.07 -9.28
C ILE B 87 -1.96 9.60 -9.88
N GLU B 88 -1.12 10.57 -10.24
CA GLU B 88 0.24 10.29 -10.77
C GLU B 88 1.08 9.55 -9.74
N MET B 89 0.90 9.92 -8.46
CA MET B 89 1.62 9.22 -7.39
C MET B 89 0.99 7.84 -7.08
N LEU B 90 -0.33 7.68 -7.31
CA LEU B 90 -0.97 6.35 -7.29
C LEU B 90 -0.37 5.43 -8.41
N GLN B 91 -0.26 5.98 -9.62
CA GLN B 91 0.48 5.38 -10.73
C GLN B 91 1.92 5.05 -10.33
N ALA B 92 2.65 6.03 -9.81
CA ALA B 92 4.04 5.78 -9.41
C ALA B 92 4.07 4.51 -8.59
N HIS B 93 3.20 4.44 -7.59
CA HIS B 93 3.14 3.33 -6.60
C HIS B 93 2.80 2.04 -7.27
N PHE B 94 1.81 2.08 -8.17
CA PHE B 94 1.47 0.86 -8.89
C PHE B 94 2.66 0.40 -9.76
N LEU B 95 3.34 1.35 -10.41
CA LEU B 95 4.47 0.93 -11.30
C LEU B 95 5.71 0.38 -10.57
N VAL B 96 6.05 0.94 -9.40
CA VAL B 96 7.09 0.38 -8.55
C VAL B 96 6.80 -1.11 -8.26
N TYR B 97 5.55 -1.41 -7.87
CA TYR B 97 5.18 -2.79 -7.49
C TYR B 97 5.11 -3.72 -8.68
N ASP B 98 4.48 -3.24 -9.73
CA ASP B 98 4.31 -4.07 -10.89
C ASP B 98 5.67 -4.41 -11.55
N ASP B 99 6.60 -3.44 -11.58
CA ASP B 99 7.94 -3.70 -12.09
C ASP B 99 8.64 -4.76 -11.26
N ILE B 100 8.51 -4.73 -9.94
CA ILE B 100 8.98 -5.89 -9.18
C ILE B 100 8.25 -7.18 -9.54
N MET B 101 6.92 -7.15 -9.58
CA MET B 101 6.14 -8.38 -9.80
C MET B 101 6.46 -8.99 -11.14
N ASP B 102 6.65 -8.15 -12.13
CA ASP B 102 6.96 -8.61 -13.46
C ASP B 102 8.48 -8.83 -13.68
N HIS B 103 9.31 -8.52 -12.68
CA HIS B 103 10.80 -8.65 -12.75
C HIS B 103 11.33 -7.92 -13.99
N SER B 104 10.86 -6.70 -14.21
CA SER B 104 11.18 -5.92 -15.41
C SER B 104 12.47 -5.10 -15.19
N LYS B 105 12.95 -4.50 -16.28
CA LYS B 105 14.27 -3.82 -16.43
C LYS B 105 14.24 -2.31 -16.54
N THR B 106 13.36 -1.78 -17.39
CA THR B 106 13.30 -0.36 -17.64
C THR B 106 11.87 0.16 -17.43
N ARG B 107 11.78 1.39 -16.99
CA ARG B 107 10.51 2.08 -16.93
C ARG B 107 10.83 3.52 -17.35
N ARG B 108 10.02 4.05 -18.27
CA ARG B 108 10.17 5.46 -18.66
C ARG B 108 11.63 5.78 -19.07
N GLY B 109 12.29 4.82 -19.73
CA GLY B 109 13.62 5.05 -20.28
C GLY B 109 14.76 4.91 -19.28
N LYS B 110 14.44 4.52 -18.05
CA LYS B 110 15.48 4.33 -17.02
C LYS B 110 15.30 2.99 -16.32
N PRO B 111 16.32 2.55 -15.55
CA PRO B 111 16.13 1.25 -14.88
C PRO B 111 14.97 1.39 -13.92
N CYS B 112 14.25 0.29 -13.72
CA CYS B 112 13.21 0.19 -12.75
C CYS B 112 13.75 0.60 -11.42
N TRP B 113 12.89 1.18 -10.58
CA TRP B 113 13.32 1.61 -9.25
C TRP B 113 13.96 0.54 -8.42
N TYR B 114 13.34 -0.63 -8.35
CA TYR B 114 13.86 -1.69 -7.50
C TYR B 114 15.24 -2.13 -8.00
N LEU B 115 15.52 -1.84 -9.27
CA LEU B 115 16.76 -2.25 -9.91
C LEU B 115 17.91 -1.23 -9.76
N HIS B 116 17.62 -0.05 -9.25
CA HIS B 116 18.65 0.85 -8.77
C HIS B 116 19.49 0.15 -7.72
N PRO B 117 20.84 0.14 -7.86
CA PRO B 117 21.67 -0.71 -6.96
C PRO B 117 21.69 -0.18 -5.53
N GLY B 118 21.43 1.11 -5.39
CA GLY B 118 21.25 1.69 -4.06
C GLY B 118 19.84 1.56 -3.48
N VAL B 119 18.98 0.77 -4.12
CA VAL B 119 17.60 0.58 -3.67
C VAL B 119 17.35 -0.89 -3.36
N THR B 120 17.22 -1.72 -4.41
CA THR B 120 16.90 -3.18 -4.36
C THR B 120 15.43 -3.37 -3.99
N ALA B 121 14.90 -4.54 -4.33
CA ALA B 121 13.47 -4.86 -4.06
C ALA B 121 13.11 -4.73 -2.57
N GLN B 122 14.08 -4.98 -1.68
CA GLN B 122 13.82 -4.87 -0.26
C GLN B 122 13.48 -3.44 0.20
N VAL B 123 14.19 -2.42 -0.31
CA VAL B 123 13.86 -1.04 0.05
C VAL B 123 12.70 -0.54 -0.82
N ALA B 124 12.73 -0.84 -2.11
CA ALA B 124 11.67 -0.46 -3.04
C ALA B 124 10.26 -0.87 -2.53
N ILE B 125 10.19 -2.09 -1.97
CA ILE B 125 8.90 -2.58 -1.40
C ILE B 125 8.36 -1.54 -0.36
N ASN B 126 9.24 -0.97 0.48
CA ASN B 126 8.71 0.01 1.40
C ASN B 126 8.51 1.40 0.75
N ASP B 127 9.40 1.77 -0.15
CA ASP B 127 9.22 3.01 -0.95
C ASP B 127 7.86 3.11 -1.64
N GLY B 128 7.39 1.98 -2.16
CA GLY B 128 6.06 2.00 -2.81
C GLY B 128 4.94 2.37 -1.84
N LEU B 129 5.07 1.98 -0.56
CA LEU B 129 4.04 2.29 0.44
C LEU B 129 4.06 3.75 0.82
N ILE B 130 5.26 4.34 0.79
CA ILE B 130 5.38 5.77 1.06
C ILE B 130 4.65 6.59 -0.01
N LEU B 131 4.77 6.15 -1.26
CA LEU B 131 4.12 6.84 -2.38
C LEU B 131 2.61 6.86 -2.26
N LEU B 132 2.03 5.69 -1.97
CA LEU B 132 0.59 5.57 -1.80
C LEU B 132 0.14 6.45 -0.64
N ALA B 133 0.87 6.35 0.49
CA ALA B 133 0.55 7.17 1.64
C ALA B 133 0.61 8.69 1.29
N TRP B 134 1.68 9.15 0.65
CA TRP B 134 1.71 10.56 0.24
C TRP B 134 0.50 11.02 -0.58
N ALA B 135 -0.05 10.19 -1.46
CA ALA B 135 -1.25 10.61 -2.26
C ALA B 135 -2.41 10.97 -1.35
N THR B 136 -2.67 10.13 -0.35
CA THR B 136 -3.63 10.53 0.69
C THR B 136 -3.23 11.75 1.53
N GLN B 137 -1.94 11.88 1.87
CA GLN B 137 -1.43 13.08 2.56
C GLN B 137 -1.76 14.39 1.81
N MET B 138 -1.55 14.36 0.48
CA MET B 138 -1.95 15.49 -0.37
C MET B 138 -3.40 15.93 -0.18
N ALA B 139 -4.35 15.01 -0.17
CA ALA B 139 -5.75 15.40 0.01
C ALA B 139 -5.97 15.96 1.42
N LEU B 140 -5.44 15.26 2.42
CA LEU B 140 -5.66 15.61 3.82
C LEU B 140 -5.16 17.02 4.07
N HIS B 141 -4.04 17.37 3.41
CA HIS B 141 -3.43 18.69 3.60
C HIS B 141 -4.09 19.71 2.74
N TYR B 142 -4.10 19.51 1.42
CA TYR B 142 -4.61 20.59 0.58
C TYR B 142 -6.12 20.77 0.67
N PHE B 143 -6.87 19.69 0.93
CA PHE B 143 -8.33 19.78 0.88
C PHE B 143 -8.98 19.68 2.28
N ALA B 144 -8.18 19.97 3.32
CA ALA B 144 -8.65 19.95 4.69
C ALA B 144 -9.93 20.78 4.91
N ASP B 145 -10.11 21.87 4.19
CA ASP B 145 -11.30 22.73 4.37
C ASP B 145 -12.26 22.63 3.18
N ARG B 146 -12.02 21.70 2.23
CA ARG B 146 -12.88 21.61 1.03
C ARG B 146 -14.05 20.66 1.25
N PRO B 147 -15.22 20.99 0.67
CA PRO B 147 -16.37 20.10 0.80
C PRO B 147 -16.17 18.70 0.15
N PHE B 148 -15.28 18.57 -0.84
CA PHE B 148 -15.16 17.33 -1.62
C PHE B 148 -14.11 16.36 -1.07
N LEU B 149 -13.47 16.74 0.04
CA LEU B 149 -12.44 15.88 0.67
C LEU B 149 -12.89 14.44 0.87
N ALA B 150 -14.08 14.29 1.45
CA ALA B 150 -14.58 12.96 1.81
C ALA B 150 -14.76 12.14 0.53
N GLU B 151 -15.38 12.74 -0.47
CA GLU B 151 -15.71 12.10 -1.77
C GLU B 151 -14.43 11.76 -2.55
N VAL B 152 -13.52 12.70 -2.66
CA VAL B 152 -12.15 12.42 -3.17
C VAL B 152 -11.50 11.17 -2.51
N LEU B 153 -11.46 11.13 -1.18
CA LEU B 153 -10.88 9.95 -0.49
C LEU B 153 -11.60 8.67 -0.86
N ARG B 154 -12.92 8.72 -0.90
CA ARG B 154 -13.74 7.53 -1.16
C ARG B 154 -13.47 7.00 -2.57
N VAL B 155 -13.49 7.86 -3.58
CA VAL B 155 -13.25 7.41 -4.97
C VAL B 155 -11.79 6.97 -5.17
N PHE B 156 -10.83 7.69 -4.60
CA PHE B 156 -9.46 7.33 -4.73
C PHE B 156 -9.21 5.95 -4.08
N HIS B 157 -9.69 5.76 -2.85
CA HIS B 157 -9.58 4.42 -2.21
C HIS B 157 -10.35 3.25 -2.82
N ASP B 158 -11.59 3.52 -3.26
CA ASP B 158 -12.32 2.54 -4.06
C ASP B 158 -11.49 2.09 -5.30
N VAL B 159 -10.92 3.06 -6.00
CA VAL B 159 -10.14 2.80 -7.23
C VAL B 159 -8.84 2.06 -6.88
N ASP B 160 -8.27 2.39 -5.74
CA ASP B 160 -7.05 1.72 -5.38
C ASP B 160 -7.40 0.25 -5.15
N LEU B 161 -8.48 -0.03 -4.39
CA LEU B 161 -8.96 -1.42 -4.24
C LEU B 161 -9.18 -2.11 -5.58
N THR B 162 -10.01 -1.50 -6.41
CA THR B 162 -10.37 -2.03 -7.71
C THR B 162 -9.15 -2.46 -8.49
N THR B 163 -8.13 -1.59 -8.55
CA THR B 163 -6.86 -1.92 -9.31
C THR B 163 -6.10 -3.13 -8.73
N THR B 164 -6.05 -3.23 -7.41
CA THR B 164 -5.38 -4.43 -6.76
C THR B 164 -6.15 -5.75 -7.11
N ILE B 165 -7.47 -5.68 -7.13
CA ILE B 165 -8.22 -6.87 -7.61
C ILE B 165 -7.92 -7.12 -9.11
N GLY B 166 -7.88 -6.04 -9.91
CA GLY B 166 -7.39 -6.14 -11.30
C GLY B 166 -6.03 -6.83 -11.44
N GLN B 167 -5.09 -6.47 -10.58
CA GLN B 167 -3.76 -6.98 -10.63
C GLN B 167 -3.82 -8.40 -10.19
N LEU B 168 -4.72 -8.72 -9.24
CA LEU B 168 -4.90 -10.13 -8.85
C LEU B 168 -5.31 -11.02 -10.06
N TYR B 169 -6.29 -10.58 -10.84
CA TYR B 169 -6.70 -11.27 -12.04
C TYR B 169 -5.52 -11.42 -12.98
N ASP B 170 -4.72 -10.36 -13.14
CA ASP B 170 -3.57 -10.39 -14.00
C ASP B 170 -2.49 -11.42 -13.55
N VAL B 171 -2.13 -11.36 -12.27
CA VAL B 171 -1.00 -12.13 -11.80
C VAL B 171 -1.34 -13.63 -11.71
N THR B 172 -2.62 -13.98 -11.75
CA THR B 172 -3.03 -15.39 -11.63
C THR B 172 -3.68 -15.84 -12.97
N SER B 173 -3.52 -15.08 -14.05
CA SER B 173 -4.21 -15.36 -15.29
C SER B 173 -3.57 -16.56 -16.08
N MET B 174 -2.32 -16.91 -15.78
CA MET B 174 -1.59 -17.99 -16.50
C MET B 174 -1.61 -19.33 -15.76
N VAL B 175 -2.31 -19.37 -14.64
CA VAL B 175 -2.40 -20.58 -13.83
C VAL B 175 -3.86 -21.06 -13.91
N ASP B 176 -4.14 -22.36 -13.97
CA ASP B 176 -5.57 -22.78 -13.97
C ASP B 176 -6.25 -22.31 -12.66
N SER B 177 -7.35 -21.59 -12.77
CA SER B 177 -8.02 -21.00 -11.58
C SER B 177 -8.48 -22.04 -10.56
N ALA B 178 -8.82 -23.24 -11.01
CA ALA B 178 -9.18 -24.38 -10.16
C ALA B 178 -8.01 -24.86 -9.26
N LYS B 179 -6.77 -24.55 -9.61
CA LYS B 179 -5.56 -24.99 -8.92
C LYS B 179 -4.99 -23.91 -7.98
N LEU B 180 -5.68 -22.81 -7.68
CA LEU B 180 -5.12 -21.88 -6.65
C LEU B 180 -5.40 -22.37 -5.23
N ASP B 181 -4.39 -22.79 -4.47
CA ASP B 181 -4.22 -23.14 -3.02
C ASP B 181 -2.93 -22.50 -2.51
N ALA B 182 -3.04 -21.61 -1.53
CA ALA B 182 -1.85 -20.92 -0.95
C ALA B 182 -0.90 -21.97 -0.35
N LYS B 183 -1.30 -23.24 -0.38
CA LYS B 183 -0.46 -24.34 0.18
C LYS B 183 0.20 -25.19 -0.93
N VAL B 184 -0.15 -24.95 -2.18
CA VAL B 184 0.39 -25.84 -3.22
C VAL B 184 0.97 -25.05 -4.37
N ALA B 185 2.21 -25.31 -4.80
CA ALA B 185 2.76 -24.64 -5.99
C ALA B 185 1.90 -25.00 -7.20
N HIS B 186 1.79 -24.05 -8.09
CA HIS B 186 1.03 -24.34 -9.31
C HIS B 186 1.89 -24.04 -10.53
N ALA B 187 1.88 -24.98 -11.46
CA ALA B 187 2.47 -24.83 -12.77
C ALA B 187 1.60 -23.89 -13.62
N ASN B 188 2.22 -23.13 -14.53
CA ASN B 188 1.49 -22.41 -15.56
C ASN B 188 0.63 -23.35 -16.42
N THR B 189 -0.38 -22.81 -17.08
CA THR B 189 -1.28 -23.61 -17.92
C THR B 189 -0.49 -24.20 -19.09
N THR B 190 -0.95 -25.33 -19.61
CA THR B 190 -0.46 -25.80 -20.88
C THR B 190 -1.56 -25.81 -21.93
N ASP B 191 -2.81 -25.74 -21.51
CA ASP B 191 -3.89 -25.82 -22.47
C ASP B 191 -4.53 -24.46 -22.77
N TYR B 192 -4.31 -23.46 -21.90
CA TYR B 192 -4.84 -22.11 -22.12
C TYR B 192 -6.37 -22.03 -22.21
N VAL B 193 -7.10 -22.94 -21.58
CA VAL B 193 -8.57 -22.85 -21.59
C VAL B 193 -9.12 -21.48 -21.18
N GLU B 194 -8.49 -20.86 -20.18
CA GLU B 194 -9.03 -19.63 -19.61
C GLU B 194 -8.58 -18.37 -20.33
N TYR B 195 -7.91 -18.49 -21.48
CA TYR B 195 -7.54 -17.28 -22.21
C TYR B 195 -8.69 -16.82 -23.12
N THR B 196 -9.74 -16.33 -22.46
CA THR B 196 -10.97 -15.98 -23.14
C THR B 196 -11.17 -14.46 -23.24
N PRO B 197 -12.00 -13.97 -24.22
CA PRO B 197 -12.24 -12.51 -24.26
C PRO B 197 -12.79 -12.02 -22.95
N PHE B 198 -13.66 -12.81 -22.32
CA PHE B 198 -14.18 -12.42 -21.02
C PHE B 198 -13.06 -12.21 -19.97
N ASN B 199 -12.08 -13.12 -19.93
CA ASN B 199 -11.06 -13.02 -18.89
C ASN B 199 -10.12 -11.85 -19.14
N HIS B 200 -9.89 -11.58 -20.42
CA HIS B 200 -8.99 -10.47 -20.77
C HIS B 200 -9.67 -9.15 -20.40
N ARG B 201 -10.94 -9.00 -20.76
CA ARG B 201 -11.72 -7.77 -20.44
C ARG B 201 -11.73 -7.60 -18.92
N ARG B 202 -12.01 -8.68 -18.18
CA ARG B 202 -12.04 -8.56 -16.72
C ARG B 202 -10.69 -8.02 -16.18
N ILE B 203 -9.58 -8.58 -16.63
CA ILE B 203 -8.28 -8.04 -16.23
C ILE B 203 -8.20 -6.53 -16.52
N VAL B 204 -8.41 -6.14 -17.78
CA VAL B 204 -8.04 -4.79 -18.18
C VAL B 204 -8.95 -3.71 -17.58
N VAL B 205 -10.21 -4.02 -17.43
CA VAL B 205 -11.14 -3.09 -16.86
C VAL B 205 -10.71 -2.73 -15.47
N TYR B 206 -10.41 -3.74 -14.66
CA TYR B 206 -10.16 -3.48 -13.26
C TYR B 206 -8.73 -3.00 -13.01
N LYS B 207 -7.75 -3.54 -13.75
CA LYS B 207 -6.35 -3.15 -13.51
C LYS B 207 -5.98 -1.81 -14.12
N THR B 208 -6.73 -1.36 -15.12
CA THR B 208 -6.30 -0.19 -15.87
C THR B 208 -7.43 0.86 -15.99
N ALA B 209 -8.60 0.48 -16.46
CA ALA B 209 -9.70 1.42 -16.80
C ALA B 209 -10.14 2.32 -15.62
N TYR B 210 -10.34 1.75 -14.46
CA TYR B 210 -10.83 2.56 -13.32
C TYR B 210 -9.83 3.65 -12.93
N TYR B 211 -8.56 3.33 -12.85
CA TYR B 211 -7.59 4.33 -12.36
C TYR B 211 -7.05 5.26 -13.43
N THR B 212 -7.03 4.81 -14.68
CA THR B 212 -6.47 5.57 -15.81
C THR B 212 -7.55 6.46 -16.47
N TYR B 213 -8.77 5.96 -16.59
CA TYR B 213 -9.89 6.69 -17.24
C TYR B 213 -10.96 7.18 -16.25
N TRP B 214 -11.52 6.33 -15.39
CA TRP B 214 -12.63 6.74 -14.47
C TRP B 214 -12.19 7.80 -13.46
N LEU B 215 -11.15 7.51 -12.70
CA LEU B 215 -10.59 8.35 -11.61
C LEU B 215 -10.28 9.79 -12.06
N PRO B 216 -9.50 10.03 -13.12
CA PRO B 216 -9.22 11.38 -13.53
C PRO B 216 -10.48 12.17 -13.88
N LEU B 217 -11.44 11.55 -14.55
CA LEU B 217 -12.71 12.22 -14.92
C LEU B 217 -13.49 12.63 -13.67
N VAL B 218 -13.67 11.68 -12.76
CA VAL B 218 -14.47 11.91 -11.54
C VAL B 218 -13.80 12.97 -10.67
N MET B 219 -12.50 12.89 -10.53
CA MET B 219 -11.80 13.84 -9.70
C MET B 219 -11.89 15.24 -10.27
N GLY B 220 -11.84 15.33 -11.59
CA GLY B 220 -11.98 16.63 -12.24
C GLY B 220 -13.32 17.21 -11.91
N LEU B 221 -14.33 16.36 -11.90
CA LEU B 221 -15.72 16.77 -11.57
C LEU B 221 -15.83 17.13 -10.10
N LEU B 222 -15.23 16.35 -9.22
CA LEU B 222 -15.27 16.57 -7.76
C LEU B 222 -14.63 17.91 -7.37
N VAL B 223 -13.47 18.23 -7.91
CA VAL B 223 -12.84 19.49 -7.47
C VAL B 223 -13.53 20.70 -8.07
N SER B 224 -14.17 20.57 -9.25
CA SER B 224 -14.94 21.72 -9.78
C SER B 224 -16.39 21.81 -9.25
N GLY B 225 -16.78 20.86 -8.41
CA GLY B 225 -18.11 20.70 -7.79
C GLY B 225 -19.22 20.45 -8.81
N THR B 226 -18.92 19.74 -9.90
CA THR B 226 -19.93 19.50 -10.97
C THR B 226 -20.18 18.01 -11.20
N LEU B 227 -19.99 17.18 -10.16
CA LEU B 227 -20.20 15.71 -10.27
C LEU B 227 -21.70 15.43 -10.40
N GLU B 228 -22.54 16.37 -9.98
CA GLU B 228 -24.02 16.20 -10.06
C GLU B 228 -24.55 16.95 -11.30
N LYS B 229 -23.68 17.22 -12.27
CA LYS B 229 -24.08 17.92 -13.51
C LYS B 229 -23.85 17.02 -14.72
N VAL B 230 -23.47 15.76 -14.46
CA VAL B 230 -23.20 14.77 -15.55
C VAL B 230 -23.87 13.41 -15.25
N ASP B 231 -24.19 12.70 -16.31
CA ASP B 231 -24.77 11.40 -16.24
C ASP B 231 -23.68 10.41 -15.73
N LYS B 232 -23.80 9.99 -14.47
CA LYS B 232 -22.85 9.07 -13.81
C LYS B 232 -22.62 7.77 -14.63
N LYS B 233 -23.69 7.09 -14.96
CA LYS B 233 -23.58 5.84 -15.69
C LYS B 233 -22.96 5.98 -17.10
N ALA B 234 -23.26 7.04 -17.84
CA ALA B 234 -22.59 7.20 -19.13
C ALA B 234 -21.10 7.54 -18.94
N THR B 235 -20.81 8.29 -17.88
CA THR B 235 -19.40 8.65 -17.62
C THR B 235 -18.61 7.36 -17.35
N HIS B 236 -19.19 6.48 -16.55
CA HIS B 236 -18.53 5.20 -16.21
C HIS B 236 -18.37 4.36 -17.48
N LYS B 237 -19.41 4.34 -18.32
CA LYS B 237 -19.35 3.50 -19.51
C LYS B 237 -18.29 3.94 -20.52
N VAL B 238 -18.24 5.23 -20.80
CA VAL B 238 -17.22 5.74 -21.76
C VAL B 238 -15.81 5.50 -21.19
N ALA B 239 -15.66 5.60 -19.87
CA ALA B 239 -14.37 5.39 -19.18
C ALA B 239 -13.95 3.93 -19.31
N MET B 240 -14.91 3.00 -19.23
CA MET B 240 -14.65 1.55 -19.38
C MET B 240 -14.25 1.25 -20.84
N VAL B 241 -15.00 1.73 -21.80
CA VAL B 241 -14.61 1.56 -23.19
C VAL B 241 -13.18 2.12 -23.58
N MET B 242 -12.89 3.37 -23.23
CA MET B 242 -11.57 3.96 -23.53
C MET B 242 -10.46 3.21 -22.79
N GLY B 243 -10.73 2.82 -21.54
CA GLY B 243 -9.76 2.17 -20.69
C GLY B 243 -9.41 0.78 -21.20
N GLU B 244 -10.42 0.08 -21.72
CA GLU B 244 -10.19 -1.25 -22.18
C GLU B 244 -9.32 -1.09 -23.42
N TYR B 245 -9.67 -0.19 -24.30
CA TYR B 245 -8.89 0.09 -25.50
C TYR B 245 -7.45 0.52 -25.17
N PHE B 246 -7.31 1.44 -24.19
CA PHE B 246 -6.01 1.87 -23.80
C PHE B 246 -5.16 0.66 -23.40
N GLN B 247 -5.73 -0.32 -22.71
CA GLN B 247 -4.90 -1.43 -22.27
C GLN B 247 -4.69 -2.41 -23.46
N VAL B 248 -5.65 -2.48 -24.34
CA VAL B 248 -5.47 -3.30 -25.58
C VAL B 248 -4.30 -2.69 -26.34
N GLN B 249 -4.28 -1.36 -26.44
CA GLN B 249 -3.11 -0.68 -27.07
C GLN B 249 -1.81 -1.09 -26.39
N ASP B 250 -1.77 -1.01 -25.06
CA ASP B 250 -0.55 -1.40 -24.31
C ASP B 250 -0.11 -2.84 -24.63
N ASP B 251 -1.07 -3.77 -24.58
CA ASP B 251 -0.79 -5.21 -24.87
C ASP B 251 -0.61 -5.40 -26.37
N VAL B 252 -0.62 -4.31 -27.14
CA VAL B 252 -0.45 -4.37 -28.62
C VAL B 252 0.80 -3.57 -29.01
N MET B 253 1.45 -2.94 -28.03
CA MET B 253 2.67 -2.13 -28.29
C MET B 253 3.88 -2.82 -27.63
N ASP B 254 3.62 -3.70 -26.66
CA ASP B 254 4.72 -4.41 -25.96
C ASP B 254 5.12 -5.66 -26.76
N CYS B 255 4.46 -5.86 -27.91
CA CYS B 255 4.76 -7.03 -28.78
C CYS B 255 5.14 -6.54 -30.18
N PHE B 256 4.85 -5.27 -30.48
CA PHE B 256 5.17 -4.70 -31.80
C PHE B 256 5.87 -3.30 -31.80
N THR B 257 6.04 -2.68 -30.64
CA THR B 257 6.68 -1.36 -30.57
C THR B 257 8.05 -1.59 -29.94
N PRO B 258 9.15 -1.08 -30.56
CA PRO B 258 10.48 -1.18 -29.92
C PRO B 258 10.49 -0.71 -28.46
N PRO B 259 11.10 -1.47 -27.54
CA PRO B 259 11.29 -1.02 -26.15
C PRO B 259 11.78 0.41 -26.06
N GLU B 260 12.66 0.77 -26.97
CA GLU B 260 13.29 2.05 -26.91
C GLU B 260 12.31 3.16 -27.11
N LYS B 261 11.38 2.98 -28.04
CA LYS B 261 10.37 4.02 -28.24
C LYS B 261 9.29 4.00 -27.16
N LEU B 262 8.99 2.82 -26.62
CA LEU B 262 7.99 2.70 -25.58
C LEU B 262 8.49 3.14 -24.20
N GLY B 263 9.79 2.89 -23.91
CA GLY B 263 10.43 3.24 -22.63
C GLY B 263 10.48 2.10 -21.62
N LYS B 264 10.15 0.89 -22.08
CA LYS B 264 9.99 -0.26 -21.19
C LYS B 264 10.10 -1.51 -22.03
N ILE B 265 10.50 -2.63 -21.43
CA ILE B 265 10.68 -3.90 -22.10
C ILE B 265 9.62 -4.85 -21.55
N GLY B 266 8.51 -4.94 -22.30
CA GLY B 266 7.44 -5.84 -22.00
C GLY B 266 7.89 -7.29 -22.11
N THR B 267 7.44 -8.12 -21.16
CA THR B 267 7.64 -9.56 -21.22
C THR B 267 6.34 -10.37 -21.14
N ASP B 268 5.28 -9.86 -21.73
CA ASP B 268 4.02 -10.60 -21.82
C ASP B 268 4.22 -12.02 -22.36
N ILE B 269 5.05 -12.12 -23.38
CA ILE B 269 5.28 -13.40 -24.06
C ILE B 269 6.06 -14.41 -23.18
N GLU B 270 7.23 -14.00 -22.70
CA GLU B 270 8.02 -14.78 -21.73
C GLU B 270 7.21 -15.22 -20.51
N ASP B 271 6.29 -14.37 -20.05
CA ASP B 271 5.51 -14.56 -18.80
C ASP B 271 4.14 -15.15 -19.10
N ALA B 272 3.91 -15.51 -20.35
CA ALA B 272 2.62 -16.10 -20.75
C ALA B 272 1.37 -15.31 -20.36
N LYS B 273 1.42 -13.97 -20.46
CA LYS B 273 0.30 -13.13 -20.03
C LYS B 273 -0.92 -13.39 -20.86
N CYS B 274 -2.04 -13.18 -20.22
CA CYS B 274 -3.31 -13.28 -20.94
C CYS B 274 -3.55 -11.90 -21.57
N SER B 275 -2.74 -11.58 -22.57
CA SER B 275 -2.78 -10.32 -23.34
C SER B 275 -3.85 -10.39 -24.42
N TRP B 276 -4.21 -9.24 -24.95
CA TRP B 276 -5.18 -9.16 -26.07
C TRP B 276 -4.67 -9.94 -27.29
N LEU B 277 -3.38 -9.91 -27.57
CA LEU B 277 -2.80 -10.65 -28.72
C LEU B 277 -2.97 -12.16 -28.53
N ALA B 278 -2.66 -12.68 -27.34
CA ALA B 278 -2.76 -14.11 -26.99
C ALA B 278 -4.20 -14.59 -27.13
N VAL B 279 -5.15 -13.86 -26.56
CA VAL B 279 -6.58 -14.23 -26.63
C VAL B 279 -7.03 -14.10 -28.10
N THR B 280 -6.69 -12.99 -28.74
CA THR B 280 -7.09 -12.82 -30.15
C THR B 280 -6.49 -13.95 -30.98
N PHE B 281 -5.21 -14.28 -30.76
CA PHE B 281 -4.57 -15.36 -31.52
C PHE B 281 -5.25 -16.71 -31.21
N LEU B 282 -5.45 -17.02 -29.92
CA LEU B 282 -5.89 -18.36 -29.56
C LEU B 282 -7.28 -18.65 -30.11
N THR B 283 -8.12 -17.62 -30.22
CA THR B 283 -9.52 -17.77 -30.60
C THR B 283 -9.70 -17.66 -32.13
N THR B 284 -8.70 -17.21 -32.88
CA THR B 284 -8.92 -17.09 -34.34
C THR B 284 -8.01 -17.96 -35.23
N ALA B 285 -6.87 -18.40 -34.69
CA ALA B 285 -5.85 -19.03 -35.49
C ALA B 285 -6.21 -20.49 -35.80
N PRO B 286 -5.68 -21.03 -36.92
CA PRO B 286 -5.87 -22.49 -37.18
C PRO B 286 -5.21 -23.34 -36.09
N ALA B 287 -5.67 -24.60 -35.98
CA ALA B 287 -5.27 -25.55 -34.95
C ALA B 287 -3.75 -25.87 -34.83
N GLU B 288 -3.00 -26.02 -35.94
CA GLU B 288 -1.55 -26.36 -35.82
C GLU B 288 -0.76 -25.18 -35.26
N LYS B 289 -1.25 -23.99 -35.60
CA LYS B 289 -0.72 -22.71 -35.13
C LYS B 289 -1.04 -22.44 -33.66
N VAL B 290 -2.26 -22.79 -33.24
CA VAL B 290 -2.56 -22.80 -31.81
C VAL B 290 -1.61 -23.75 -31.04
N ALA B 291 -1.42 -24.98 -31.54
CA ALA B 291 -0.51 -25.94 -30.89
C ALA B 291 0.90 -25.37 -30.89
N GLU B 292 1.32 -24.81 -32.00
CA GLU B 292 2.70 -24.31 -32.04
C GLU B 292 2.86 -23.13 -31.08
N PHE B 293 1.78 -22.34 -30.93
CA PHE B 293 1.76 -21.30 -29.93
C PHE B 293 1.93 -21.87 -28.52
N LYS B 294 1.16 -22.88 -28.15
CA LYS B 294 1.26 -23.47 -26.82
C LYS B 294 2.62 -24.09 -26.45
N ALA B 295 3.37 -24.55 -27.45
CA ALA B 295 4.71 -25.11 -27.20
C ALA B 295 5.74 -24.01 -27.04
N ASN B 296 5.43 -22.81 -27.53
CA ASN B 296 6.45 -21.72 -27.51
C ASN B 296 6.26 -20.55 -26.47
N TYR B 297 5.03 -20.44 -25.95
CA TYR B 297 4.60 -19.29 -25.18
C TYR B 297 5.05 -19.52 -23.78
N GLY B 298 5.34 -18.46 -23.06
CA GLY B 298 5.64 -18.63 -21.63
C GLY B 298 7.10 -19.01 -21.45
N SER B 299 7.90 -18.70 -22.46
CA SER B 299 9.27 -19.13 -22.45
C SER B 299 10.26 -18.01 -22.58
N THR B 300 11.25 -18.06 -21.72
CA THR B 300 12.31 -17.05 -21.69
C THR B 300 13.23 -17.15 -22.93
N ASP B 301 13.24 -18.31 -23.55
CA ASP B 301 14.16 -18.56 -24.66
C ASP B 301 13.87 -17.61 -25.82
N PRO B 302 14.81 -16.72 -26.18
CA PRO B 302 14.50 -15.70 -27.21
C PRO B 302 14.02 -16.33 -28.52
N ALA B 303 14.42 -17.57 -28.77
CA ALA B 303 14.05 -18.24 -30.00
C ALA B 303 12.56 -18.64 -29.95
N ALA B 304 12.08 -19.00 -28.75
CA ALA B 304 10.65 -19.24 -28.52
C ALA B 304 9.88 -17.93 -28.69
N VAL B 305 10.38 -16.83 -28.12
CA VAL B 305 9.75 -15.52 -28.27
C VAL B 305 9.59 -15.07 -29.74
N ALA B 306 10.62 -15.33 -30.53
CA ALA B 306 10.64 -14.91 -31.92
C ALA B 306 9.60 -15.69 -32.73
N VAL B 307 9.39 -16.95 -32.33
CA VAL B 307 8.36 -17.82 -32.94
C VAL B 307 6.94 -17.31 -32.69
N ILE B 308 6.65 -16.92 -31.43
CA ILE B 308 5.37 -16.25 -31.11
C ILE B 308 5.15 -14.98 -31.92
N LYS B 309 6.16 -14.10 -32.00
CA LYS B 309 5.95 -12.84 -32.72
C LYS B 309 5.66 -13.12 -34.22
N GLN B 310 6.39 -14.09 -34.77
CA GLN B 310 6.17 -14.56 -36.14
C GLN B 310 4.75 -15.13 -36.31
N LEU B 311 4.31 -15.99 -35.40
CA LEU B 311 2.92 -16.45 -35.44
C LEU B 311 1.88 -15.31 -35.34
N TYR B 312 2.15 -14.30 -34.52
CA TYR B 312 1.21 -13.18 -34.40
C TYR B 312 1.14 -12.43 -35.71
N THR B 313 2.31 -12.27 -36.38
CA THR B 313 2.40 -11.55 -37.63
C THR B 313 1.66 -12.32 -38.71
N GLU B 314 1.90 -13.62 -38.81
CA GLU B 314 1.15 -14.47 -39.76
C GLU B 314 -0.36 -14.40 -39.50
N GLN B 315 -0.77 -14.26 -38.23
CA GLN B 315 -2.20 -14.22 -37.90
C GLN B 315 -2.82 -12.85 -38.20
N ASN B 316 -2.00 -11.88 -38.58
CA ASN B 316 -2.47 -10.53 -38.93
C ASN B 316 -3.01 -9.76 -37.71
N LEU B 317 -2.35 -9.92 -36.58
CA LEU B 317 -2.84 -9.31 -35.33
C LEU B 317 -2.86 -7.78 -35.44
N LEU B 318 -1.85 -7.15 -36.03
CA LEU B 318 -1.97 -5.75 -36.25
C LEU B 318 -3.27 -5.34 -36.97
N ALA B 319 -3.66 -6.07 -38.01
CA ALA B 319 -4.89 -5.71 -38.77
C ALA B 319 -6.11 -6.00 -37.93
N ARG B 320 -6.08 -7.07 -37.16
CA ARG B 320 -7.24 -7.30 -36.28
C ARG B 320 -7.34 -6.14 -35.27
N PHE B 321 -6.20 -5.66 -34.78
CA PHE B 321 -6.23 -4.51 -33.83
C PHE B 321 -6.81 -3.32 -34.57
N GLU B 322 -6.41 -3.12 -35.82
CA GLU B 322 -7.00 -1.97 -36.54
C GLU B 322 -8.55 -2.00 -36.62
N GLU B 323 -9.11 -3.19 -36.77
CA GLU B 323 -10.55 -3.37 -36.92
C GLU B 323 -11.23 -3.14 -35.57
N TYR B 324 -10.61 -3.64 -34.53
CA TYR B 324 -11.13 -3.41 -33.17
C TYR B 324 -11.12 -1.90 -32.86
N GLU B 325 -10.06 -1.22 -33.28
CA GLU B 325 -9.95 0.20 -33.04
C GLU B 325 -11.06 1.03 -33.76
N LYS B 326 -11.41 0.60 -34.98
CA LYS B 326 -12.49 1.24 -35.69
C LYS B 326 -13.77 1.07 -34.92
N ALA B 327 -14.00 -0.12 -34.37
CA ALA B 327 -15.25 -0.38 -33.65
C ALA B 327 -15.30 0.48 -32.38
N VAL B 328 -14.13 0.62 -31.73
CA VAL B 328 -14.03 1.42 -30.51
C VAL B 328 -14.33 2.87 -30.80
N VAL B 329 -13.66 3.43 -31.82
CA VAL B 329 -13.85 4.81 -32.25
C VAL B 329 -15.33 5.08 -32.50
N ALA B 330 -16.04 4.13 -33.16
CA ALA B 330 -17.46 4.30 -33.48
C ALA B 330 -18.23 4.41 -32.18
N GLU B 331 -17.91 3.54 -31.22
CA GLU B 331 -18.70 3.54 -30.00
C GLU B 331 -18.39 4.76 -29.13
N VAL B 332 -17.10 5.11 -28.97
CA VAL B 332 -16.67 6.29 -28.18
C VAL B 332 -17.38 7.53 -28.71
N GLU B 333 -17.34 7.66 -30.01
CA GLU B 333 -17.86 8.80 -30.68
C GLU B 333 -19.33 8.98 -30.35
N GLN B 334 -20.06 7.88 -30.33
CA GLN B 334 -21.42 8.04 -30.04
C GLN B 334 -21.72 8.23 -28.53
N LEU B 335 -20.96 7.58 -27.65
CA LEU B 335 -21.08 7.86 -26.21
C LEU B 335 -20.81 9.35 -25.89
N ILE B 336 -19.81 9.89 -26.58
CA ILE B 336 -19.46 11.30 -26.48
C ILE B 336 -20.59 12.18 -27.06
N ALA B 337 -21.20 11.76 -28.20
CA ALA B 337 -22.32 12.56 -28.77
C ALA B 337 -23.45 12.65 -27.72
N ALA B 338 -23.82 11.51 -27.14
CA ALA B 338 -24.83 11.47 -26.10
C ALA B 338 -24.43 12.27 -24.87
N LEU B 339 -23.16 12.22 -24.42
CA LEU B 339 -22.76 13.10 -23.31
C LEU B 339 -22.82 14.55 -23.73
N GLU B 340 -22.47 14.84 -24.98
CA GLU B 340 -22.56 16.20 -25.45
C GLU B 340 -23.99 16.76 -25.43
N ALA B 341 -25.00 15.90 -25.65
CA ALA B 341 -26.40 16.34 -25.61
C ALA B 341 -26.77 16.78 -24.18
N GLN B 342 -26.10 16.22 -23.19
CA GLN B 342 -26.40 16.51 -21.79
C GLN B 342 -25.53 17.61 -21.18
N ASN B 343 -24.22 17.55 -21.44
CA ASN B 343 -23.31 18.53 -20.84
C ASN B 343 -22.13 18.71 -21.76
N ALA B 344 -22.21 19.76 -22.57
CA ALA B 344 -21.31 19.90 -23.69
C ALA B 344 -19.97 20.21 -23.11
N ALA B 345 -19.91 20.94 -21.99
CA ALA B 345 -18.62 21.22 -21.37
C ALA B 345 -17.87 19.92 -21.00
N PHE B 346 -18.52 19.05 -20.25
CA PHE B 346 -17.90 17.81 -19.86
C PHE B 346 -17.53 16.95 -21.05
N ALA B 347 -18.44 16.87 -22.03
CA ALA B 347 -18.18 16.10 -23.21
C ALA B 347 -16.89 16.59 -23.97
N ALA B 348 -16.65 17.90 -24.01
CA ALA B 348 -15.39 18.41 -24.60
C ALA B 348 -14.11 17.90 -23.86
N SER B 349 -14.16 17.82 -22.54
CA SER B 349 -12.99 17.35 -21.79
C SER B 349 -12.87 15.84 -22.02
N VAL B 350 -13.98 15.13 -22.28
CA VAL B 350 -13.87 13.72 -22.72
C VAL B 350 -13.17 13.60 -24.08
N LYS B 351 -13.49 14.44 -25.06
CA LYS B 351 -12.74 14.47 -26.34
C LYS B 351 -11.26 14.74 -26.16
N VAL B 352 -10.89 15.64 -25.24
CA VAL B 352 -9.48 15.97 -25.02
C VAL B 352 -8.77 14.67 -24.57
N LEU B 353 -9.36 13.98 -23.58
CA LEU B 353 -8.81 12.70 -23.09
C LEU B 353 -8.72 11.64 -24.21
N TRP B 354 -9.79 11.53 -24.98
CA TRP B 354 -9.85 10.53 -26.03
C TRP B 354 -8.81 10.81 -27.08
N SER B 355 -8.60 12.12 -27.35
CA SER B 355 -7.63 12.54 -28.38
C SER B 355 -6.20 12.15 -28.08
N LYS B 356 -5.82 12.29 -26.81
CA LYS B 356 -4.53 11.84 -26.27
C LYS B 356 -4.38 10.30 -26.28
N THR B 357 -5.47 9.58 -26.53
CA THR B 357 -5.52 8.12 -26.40
C THR B 357 -5.54 7.46 -27.80
N TYR B 358 -6.53 7.83 -28.62
CA TYR B 358 -6.69 7.30 -29.97
C TYR B 358 -5.42 7.27 -30.78
N LYS B 359 -5.01 6.10 -31.27
CA LYS B 359 -3.81 5.94 -32.13
C LYS B 359 -2.48 6.48 -31.53
N ARG B 360 -2.40 6.60 -30.21
CA ARG B 360 -1.14 6.96 -29.54
C ARG B 360 -0.09 5.96 -29.95
N GLN B 361 1.17 6.36 -29.77
CA GLN B 361 2.31 5.54 -30.18
C GLN B 361 3.21 5.15 -29.04
N LYS B 362 2.87 5.64 -27.85
CA LYS B 362 3.58 5.21 -26.62
C LYS B 362 2.78 5.50 -25.34
CA CA C . 11.49 -8.14 15.89
CA CA D . 10.54 -8.82 10.73
CA CA E . 11.84 -5.70 9.90
P11 IPR F . 0.65 -10.08 16.64
O14 IPR F . 1.01 -11.38 15.88
O12 IPR F . 0.12 -10.23 18.07
O13 IPR F . -0.21 -9.13 15.81
O10 IPR F . 2.02 -9.22 16.56
P7 IPR F . 2.67 -8.13 17.60
O8 IPR F . 3.72 -8.84 18.47
O9 IPR F . 1.65 -7.32 18.28
O6 IPR F . 3.42 -7.11 16.63
C5 IPR F . 4.49 -7.60 15.82
C4 IPR F . 4.98 -6.29 15.25
C2 IPR F . 6.01 -5.46 16.03
C1 IPR F . 5.47 -4.10 16.35
C3 IPR F . 6.65 -6.06 17.30
O11 476 G . 7.38 -8.92 14.15
P10 476 G . 8.81 -8.68 13.67
O13 476 G . 9.00 -9.17 12.26
O12 476 G . 9.85 -9.02 14.69
C8 476 G . 8.95 -6.87 13.55
P9 476 G . 10.58 -6.16 13.16
O15 476 G . 11.01 -6.62 11.80
O14 476 G . 10.34 -4.66 13.18
O16 476 G . 11.43 -6.50 14.36
C7 476 G . 8.01 -6.41 12.45
N2 476 G . 7.56 -5.01 12.39
C1 476 G . 7.21 -4.60 11.14
C6 476 G . 6.76 -3.32 10.83
C5 476 G . 6.63 -2.42 11.90
C4 476 G . 6.97 -2.81 13.21
C3 476 G . 7.44 -4.14 13.44
C17 476 G . 6.43 -3.02 9.35
C18 476 G . 6.43 -1.55 8.95
C19 476 G . 5.87 -1.33 7.55
C20 476 G . 6.36 -2.34 6.51
C ACT H . 18.66 -13.84 16.17
O ACT H . 18.08 -14.25 17.23
OXT ACT H . 19.40 -14.59 15.46
CH3 ACT H . 18.46 -12.41 15.76
CA CA I . 2.07 -3.95 -20.83
CA CA J . 4.52 -4.53 -16.33
CA CA K . 2.09 -6.64 -14.88
P11 IPR L . 3.14 6.74 -18.00
O14 IPR L . 4.64 6.53 -17.89
O12 IPR L . 2.61 7.65 -19.08
O13 IPR L . 2.67 7.05 -16.60
O10 IPR L . 2.55 5.28 -18.32
P7 IPR L . 1.13 4.80 -19.02
O8 IPR L . 1.34 4.21 -20.43
O9 IPR L . 0.07 5.89 -18.89
O6 IPR L . 0.69 3.56 -18.07
C5 IPR L . 1.37 2.32 -18.19
C4 IPR L . 0.71 1.33 -17.24
C2 IPR L . -0.65 0.76 -17.72
C1 IPR L . -1.84 1.53 -17.25
C3 IPR L . -0.73 0.44 -19.19
O11 476 M . 3.23 -0.59 -17.99
P10 476 M . 3.34 -2.10 -18.05
O13 476 M . 4.42 -2.60 -17.12
O12 476 M . 3.44 -2.51 -19.52
C8 476 M . 1.73 -2.56 -17.29
P9 476 M . 1.31 -4.35 -17.36
O15 476 M . 2.23 -5.21 -16.51
O14 476 M . -0.11 -4.44 -16.85
O16 476 M . 1.22 -4.64 -18.87
C7 476 M . 1.74 -2.13 -15.79
N2 476 M . 0.42 -2.04 -15.16
C1 476 M . 0.28 -2.12 -13.81
C6 476 M . -1.02 -1.99 -13.26
C5 476 M . -2.12 -1.80 -14.05
C4 476 M . -1.92 -1.70 -15.41
C3 476 M . -0.66 -1.82 -15.93
C17 476 M . -1.36 -2.06 -11.82
C18 476 M . -0.37 -2.78 -10.99
C19 476 M . -1.17 -2.72 -9.68
C20 476 M . -0.27 -3.18 -8.57
C ACT N . 7.70 -9.43 -25.62
O ACT N . 7.75 -8.47 -26.43
OXT ACT N . 8.61 -10.31 -25.54
CH3 ACT N . 6.55 -9.60 -24.66
#